data_5LXY
#
_entry.id   5LXY
#
_cell.length_a   178.771
_cell.length_b   66.575
_cell.length_c   111.912
_cell.angle_alpha   90.000
_cell.angle_beta   126.570
_cell.angle_gamma   90.000
#
_symmetry.space_group_name_H-M   'C 1 2 1'
#
loop_
_entity.id
_entity.type
_entity.pdbx_description
1 polymer 'RNA-binding protein 7'
2 polymer 'Zinc finger CCHC domain-containing protein 8'
3 non-polymer 'BROMIDE ION'
4 water water
#
loop_
_entity_poly.entity_id
_entity_poly.type
_entity_poly.pdbx_seq_one_letter_code
_entity_poly.pdbx_strand_id
1 'polypeptide(L)'
;GPDSMGAAAAEADRTLFVGNLETKVTEELLFELFHQAGPVIKVKIPKDKDGKPKQFAFVNFKHEVSVPYAMNLLNGIKLY
GRPIKIQFRS
;
A,B,E,G,I,K,M
2 'polypeptide(L)' GPDSMRFKPGVISEELQDALGVTDKSLPPFIYRMRQLGYPPGWLK D,C,F,H,J,L,N
#
loop_
_chem_comp.id
_chem_comp.type
_chem_comp.name
_chem_comp.formula
BR non-polymer 'BROMIDE ION' 'Br -1'
#
# COMPACT_ATOMS: atom_id res chain seq x y z
N GLU A 11 -23.12 -15.26 -5.96
CA GLU A 11 -23.79 -14.26 -6.78
C GLU A 11 -22.88 -13.08 -7.10
N ALA A 12 -21.68 -13.07 -6.53
CA ALA A 12 -20.70 -12.01 -6.77
C ALA A 12 -19.60 -12.56 -7.68
N ASP A 13 -19.28 -11.81 -8.74
CA ASP A 13 -18.28 -12.24 -9.72
C ASP A 13 -16.96 -11.57 -9.41
N ARG A 14 -16.00 -12.34 -8.90
CA ARG A 14 -14.68 -11.87 -8.49
C ARG A 14 -13.59 -12.33 -9.45
N THR A 15 -13.95 -12.58 -10.70
CA THR A 15 -13.03 -13.13 -11.69
C THR A 15 -12.71 -12.08 -12.73
N LEU A 16 -11.42 -11.91 -13.01
CA LEU A 16 -10.95 -11.05 -14.09
C LEU A 16 -10.38 -11.89 -15.22
N PHE A 17 -10.67 -11.47 -16.45
CA PHE A 17 -10.05 -12.04 -17.62
C PHE A 17 -8.97 -11.08 -18.11
N VAL A 18 -7.74 -11.58 -18.26
CA VAL A 18 -6.61 -10.76 -18.69
C VAL A 18 -5.97 -11.46 -19.88
N GLY A 19 -5.78 -10.72 -20.97
CA GLY A 19 -5.27 -11.27 -22.21
C GLY A 19 -4.02 -10.58 -22.69
N ASN A 20 -3.57 -11.02 -23.86
CA ASN A 20 -2.38 -10.49 -24.54
C ASN A 20 -1.12 -10.73 -23.71
N LEU A 21 -1.13 -11.79 -22.91
CA LEU A 21 0.00 -12.07 -22.05
C LEU A 21 1.19 -12.54 -22.88
N GLU A 22 2.38 -12.06 -22.54
CA GLU A 22 3.55 -12.56 -23.23
C GLU A 22 3.81 -13.99 -22.77
N THR A 23 4.49 -14.76 -23.62
CA THR A 23 4.62 -16.20 -23.37
C THR A 23 5.31 -16.51 -22.04
N LYS A 24 6.23 -15.67 -21.59
CA LYS A 24 6.96 -15.93 -20.34
C LYS A 24 6.13 -15.68 -19.08
N VAL A 25 5.00 -14.96 -19.20
CA VAL A 25 4.17 -14.67 -18.04
C VAL A 25 3.71 -15.98 -17.39
N THR A 26 3.79 -16.05 -16.07
CA THR A 26 3.41 -17.25 -15.33
C THR A 26 2.25 -16.95 -14.37
N GLU A 27 1.63 -18.02 -13.86
CA GLU A 27 0.56 -17.86 -12.88
C GLU A 27 1.05 -17.17 -11.62
N GLU A 28 2.24 -17.54 -11.15
CA GLU A 28 2.79 -16.88 -9.95
C GLU A 28 3.09 -15.41 -10.21
N LEU A 29 3.54 -15.09 -11.43
CA LEU A 29 3.82 -13.70 -11.77
C LEU A 29 2.56 -12.86 -11.70
N LEU A 30 1.47 -13.34 -12.30
CA LEU A 30 0.22 -12.58 -12.26
C LEU A 30 -0.32 -12.49 -10.84
N PHE A 31 -0.17 -13.56 -10.06
CA PHE A 31 -0.57 -13.52 -8.66
C PHE A 31 0.06 -12.34 -7.95
N GLU A 32 1.40 -12.25 -7.99
CA GLU A 32 2.09 -11.15 -7.32
C GLU A 32 1.65 -9.80 -7.88
N LEU A 33 1.47 -9.70 -9.19
CA LEU A 33 1.11 -8.42 -9.79
C LEU A 33 -0.27 -7.96 -9.35
N PHE A 34 -1.28 -8.84 -9.48
CA PHE A 34 -2.63 -8.45 -9.12
C PHE A 34 -2.83 -8.42 -7.61
N HIS A 35 -1.92 -9.05 -6.85
CA HIS A 35 -1.94 -8.92 -5.40
C HIS A 35 -1.80 -7.47 -4.97
N GLN A 36 -1.20 -6.62 -5.82
CA GLN A 36 -1.10 -5.18 -5.52
C GLN A 36 -2.47 -4.52 -5.51
N ALA A 37 -3.40 -4.98 -6.36
CA ALA A 37 -4.73 -4.40 -6.45
C ALA A 37 -5.68 -4.94 -5.39
N GLY A 38 -5.40 -6.12 -4.86
CA GLY A 38 -6.21 -6.69 -3.81
C GLY A 38 -5.86 -8.14 -3.58
N PRO A 39 -6.27 -8.69 -2.43
CA PRO A 39 -5.96 -10.10 -2.14
C PRO A 39 -6.45 -10.99 -3.27
N VAL A 40 -5.56 -11.80 -3.79
CA VAL A 40 -5.86 -12.72 -4.88
C VAL A 40 -5.95 -14.13 -4.30
N ILE A 41 -6.95 -14.88 -4.76
CA ILE A 41 -7.10 -16.27 -4.34
C ILE A 41 -6.26 -17.18 -5.21
N LYS A 42 -6.44 -17.08 -6.53
CA LYS A 42 -5.72 -17.95 -7.44
C LYS A 42 -5.66 -17.27 -8.79
N VAL A 43 -4.67 -17.68 -9.59
CA VAL A 43 -4.55 -17.30 -10.98
C VAL A 43 -4.38 -18.57 -11.79
N LYS A 44 -5.20 -18.74 -12.81
CA LYS A 44 -5.17 -19.92 -13.66
C LYS A 44 -4.94 -19.48 -15.09
N ILE A 45 -4.00 -20.13 -15.75
CA ILE A 45 -3.77 -19.96 -17.18
C ILE A 45 -4.23 -21.24 -17.87
N PRO A 46 -5.32 -21.21 -18.64
CA PRO A 46 -5.87 -22.45 -19.20
C PRO A 46 -4.96 -23.03 -20.27
N LYS A 47 -5.20 -24.31 -20.56
CA LYS A 47 -4.37 -25.10 -21.45
C LYS A 47 -5.03 -25.25 -22.82
N ASP A 48 -4.24 -25.68 -23.79
CA ASP A 48 -4.71 -25.89 -25.14
C ASP A 48 -5.05 -27.36 -25.34
N LYS A 49 -5.35 -27.74 -26.59
CA LYS A 49 -5.64 -29.13 -26.90
C LYS A 49 -4.41 -30.03 -26.79
N ASP A 50 -3.22 -29.47 -26.87
CA ASP A 50 -1.98 -30.21 -26.70
C ASP A 50 -1.29 -29.88 -25.38
N GLY A 51 -2.04 -29.31 -24.44
CA GLY A 51 -1.47 -28.91 -23.16
C GLY A 51 -0.74 -27.59 -23.18
N LYS A 52 -0.81 -26.84 -24.28
CA LYS A 52 -0.11 -25.57 -24.37
C LYS A 52 -0.84 -24.51 -23.54
N PRO A 53 -0.12 -23.69 -22.79
CA PRO A 53 -0.76 -22.59 -22.07
C PRO A 53 -1.35 -21.58 -23.05
N LYS A 54 -2.55 -21.10 -22.72
CA LYS A 54 -3.15 -20.07 -23.55
C LYS A 54 -2.50 -18.71 -23.27
N GLN A 55 -2.87 -17.74 -24.09
CA GLN A 55 -2.31 -16.40 -23.98
C GLN A 55 -3.13 -15.49 -23.06
N PHE A 56 -4.04 -16.07 -22.27
CA PHE A 56 -4.86 -15.32 -21.33
C PHE A 56 -4.92 -16.06 -20.00
N ALA A 57 -5.43 -15.39 -18.97
CA ALA A 57 -5.49 -15.96 -17.63
C ALA A 57 -6.74 -15.48 -16.91
N PHE A 58 -7.16 -16.25 -15.92
CA PHE A 58 -8.26 -15.86 -15.03
C PHE A 58 -7.68 -15.52 -13.67
N VAL A 59 -7.94 -14.31 -13.21
CA VAL A 59 -7.52 -13.85 -11.89
C VAL A 59 -8.77 -13.78 -11.02
N ASN A 60 -8.78 -14.56 -9.94
CA ASN A 60 -9.92 -14.64 -9.04
C ASN A 60 -9.56 -13.92 -7.75
N PHE A 61 -10.32 -12.89 -7.43
CA PHE A 61 -10.09 -12.08 -6.25
C PHE A 61 -10.92 -12.60 -5.08
N LYS A 62 -10.49 -12.25 -3.87
CA LYS A 62 -11.24 -12.60 -2.67
C LYS A 62 -12.55 -11.81 -2.59
N HIS A 63 -12.56 -10.57 -3.06
CA HIS A 63 -13.72 -9.69 -2.99
C HIS A 63 -13.99 -9.07 -4.36
N GLU A 64 -15.28 -8.89 -4.66
CA GLU A 64 -15.68 -8.30 -5.94
C GLU A 64 -15.06 -6.92 -6.15
N VAL A 65 -14.98 -6.12 -5.08
CA VAL A 65 -14.54 -4.73 -5.22
C VAL A 65 -13.13 -4.64 -5.79
N SER A 66 -12.33 -5.70 -5.62
CA SER A 66 -10.98 -5.71 -6.17
C SER A 66 -10.97 -5.68 -7.70
N VAL A 67 -12.06 -6.10 -8.34
CA VAL A 67 -12.09 -6.23 -9.80
C VAL A 67 -12.07 -4.87 -10.47
N PRO A 68 -12.97 -3.92 -10.15
CA PRO A 68 -12.88 -2.62 -10.85
C PRO A 68 -11.59 -1.89 -10.55
N TYR A 69 -11.08 -2.01 -9.32
CA TYR A 69 -9.84 -1.33 -8.96
C TYR A 69 -8.67 -1.84 -9.81
N ALA A 70 -8.54 -3.17 -9.90
CA ALA A 70 -7.46 -3.75 -10.70
C ALA A 70 -7.56 -3.31 -12.15
N MET A 71 -8.78 -3.10 -12.65
CA MET A 71 -8.94 -2.63 -14.01
C MET A 71 -8.24 -1.30 -14.20
N ASN A 72 -8.47 -0.35 -13.31
CA ASN A 72 -7.85 0.96 -13.49
C ASN A 72 -6.36 0.91 -13.20
N LEU A 73 -5.96 0.17 -12.17
CA LEU A 73 -4.56 0.18 -11.75
C LEU A 73 -3.66 -0.54 -12.76
N LEU A 74 -4.12 -1.66 -13.31
CA LEU A 74 -3.22 -2.57 -13.99
C LEU A 74 -3.46 -2.71 -15.49
N ASN A 75 -4.55 -2.20 -16.04
CA ASN A 75 -4.79 -2.37 -17.47
C ASN A 75 -3.70 -1.67 -18.27
N GLY A 76 -3.21 -2.37 -19.30
CA GLY A 76 -2.24 -1.82 -20.20
C GLY A 76 -0.79 -1.90 -19.75
N ILE A 77 -0.57 -2.36 -18.51
CA ILE A 77 0.80 -2.52 -18.03
C ILE A 77 1.55 -3.53 -18.88
N LYS A 78 2.76 -3.16 -19.26
CA LYS A 78 3.56 -4.01 -20.11
C LYS A 78 4.30 -5.04 -19.27
N LEU A 79 4.11 -6.31 -19.62
CA LEU A 79 4.84 -7.43 -19.03
C LEU A 79 5.69 -8.03 -20.12
N TYR A 80 7.01 -7.94 -19.96
CA TYR A 80 7.96 -8.43 -20.96
C TYR A 80 7.71 -7.78 -22.32
N GLY A 81 7.36 -6.50 -22.29
CA GLY A 81 7.13 -5.73 -23.50
C GLY A 81 5.73 -5.81 -24.06
N ARG A 82 4.84 -6.61 -23.47
CA ARG A 82 3.49 -6.78 -24.00
C ARG A 82 2.48 -6.19 -23.04
N PRO A 83 1.70 -5.21 -23.48
CA PRO A 83 0.69 -4.59 -22.59
C PRO A 83 -0.46 -5.55 -22.36
N ILE A 84 -0.75 -5.84 -21.09
CA ILE A 84 -1.86 -6.73 -20.79
C ILE A 84 -3.16 -6.02 -21.08
N LYS A 85 -4.17 -6.80 -21.46
CA LYS A 85 -5.50 -6.27 -21.78
C LYS A 85 -6.54 -6.91 -20.88
N ILE A 86 -7.09 -6.11 -19.98
CA ILE A 86 -8.02 -6.60 -18.97
C ILE A 86 -9.38 -6.25 -19.58
N GLN A 87 -10.04 -7.24 -20.16
CA GLN A 87 -11.32 -6.94 -20.77
C GLN A 87 -12.46 -7.05 -19.76
N PHE A 88 -12.33 -7.96 -18.82
CA PHE A 88 -13.33 -8.09 -17.77
C PHE A 88 -13.40 -6.89 -16.85
N PHE B 7 0.03 -6.27 3.53
CA PHE B 7 -0.01 -5.55 2.26
C PHE B 7 0.96 -4.38 2.23
N LYS B 8 2.07 -4.56 1.51
CA LYS B 8 3.03 -3.47 1.30
C LYS B 8 2.97 -2.97 -0.14
N PRO B 9 2.32 -1.83 -0.41
CA PRO B 9 2.20 -1.39 -1.81
C PRO B 9 3.55 -1.09 -2.42
N GLY B 10 3.63 -1.23 -3.74
CA GLY B 10 4.86 -0.99 -4.49
C GLY B 10 6.09 -1.79 -4.13
N VAL B 11 5.99 -2.73 -3.20
CA VAL B 11 7.07 -3.65 -2.91
C VAL B 11 6.87 -4.90 -3.76
N ILE B 12 7.82 -5.19 -4.64
CA ILE B 12 7.71 -6.32 -5.56
C ILE B 12 9.02 -7.11 -5.63
N SER B 13 8.89 -8.37 -6.04
CA SER B 13 10.02 -9.28 -6.15
C SER B 13 10.91 -8.88 -7.33
N GLU B 14 12.09 -9.51 -7.37
CA GLU B 14 13.01 -9.27 -8.49
C GLU B 14 12.46 -9.85 -9.79
N GLU B 15 11.74 -10.97 -9.72
CA GLU B 15 11.16 -11.55 -10.92
C GLU B 15 10.14 -10.59 -11.54
N LEU B 16 9.31 -9.96 -10.70
CA LEU B 16 8.33 -9.02 -11.22
C LEU B 16 8.99 -7.75 -11.74
N GLN B 17 10.05 -7.28 -11.06
CA GLN B 17 10.78 -6.10 -11.53
C GLN B 17 11.29 -6.31 -12.95
N ASP B 18 11.90 -7.47 -13.21
CA ASP B 18 12.38 -7.77 -14.55
C ASP B 18 11.22 -7.83 -15.53
N ALA B 19 10.08 -8.37 -15.09
CA ALA B 19 8.92 -8.40 -15.97
C ALA B 19 8.40 -7.00 -16.25
N LEU B 20 8.39 -6.14 -15.25
CA LEU B 20 7.91 -4.78 -15.43
C LEU B 20 8.94 -3.90 -16.15
N GLY B 21 10.18 -4.36 -16.20
CA GLY B 21 11.25 -3.60 -16.81
C GLY B 21 11.77 -2.50 -15.91
N VAL B 22 11.66 -2.66 -14.60
CA VAL B 22 12.06 -1.60 -13.67
C VAL B 22 13.58 -1.64 -13.53
N THR B 23 14.22 -0.48 -13.75
CA THR B 23 15.67 -0.43 -13.65
C THR B 23 16.14 -0.23 -12.21
N ASP B 24 15.41 0.57 -11.43
CA ASP B 24 15.87 0.98 -10.10
C ASP B 24 14.90 0.44 -9.05
N LYS B 25 15.41 -0.43 -8.18
CA LYS B 25 14.57 -1.12 -7.20
C LYS B 25 14.03 -0.19 -6.12
N SER B 26 14.66 0.98 -5.90
CA SER B 26 14.15 1.87 -4.87
C SER B 26 12.97 2.71 -5.33
N LEU B 27 12.64 2.66 -6.62
CA LEU B 27 11.51 3.42 -7.15
C LEU B 27 10.26 2.57 -6.99
N PRO B 28 9.33 2.91 -6.09
CA PRO B 28 8.18 2.04 -5.88
C PRO B 28 7.23 2.12 -7.06
N PRO B 29 6.90 0.99 -7.67
CA PRO B 29 5.90 1.00 -8.74
C PRO B 29 4.50 0.91 -8.15
N PHE B 30 3.56 1.52 -8.86
CA PHE B 30 2.11 1.49 -8.62
C PHE B 30 1.70 2.42 -7.48
N ILE B 31 2.63 2.93 -6.66
CA ILE B 31 2.22 3.74 -5.52
C ILE B 31 1.70 5.11 -5.97
N TYR B 32 2.28 5.68 -7.03
CA TYR B 32 1.84 7.00 -7.47
C TYR B 32 0.37 7.02 -7.82
N ARG B 33 -0.10 6.03 -8.59
CA ARG B 33 -1.50 6.00 -8.98
C ARG B 33 -2.42 5.55 -7.85
N MET B 34 -1.97 4.63 -6.99
CA MET B 34 -2.78 4.26 -5.82
C MET B 34 -3.13 5.49 -5.00
N ARG B 35 -2.21 6.45 -4.94
CA ARG B 35 -2.45 7.69 -4.19
C ARG B 35 -3.61 8.46 -4.80
N GLN B 36 -3.81 8.29 -6.10
CA GLN B 36 -4.89 8.95 -6.84
C GLN B 36 -6.17 8.15 -6.77
N LEU B 37 -6.07 6.85 -7.03
CA LEU B 37 -7.23 5.97 -7.00
C LEU B 37 -7.75 5.79 -5.58
N GLY B 38 -6.89 5.97 -4.58
CA GLY B 38 -7.25 5.67 -3.21
C GLY B 38 -6.75 4.31 -2.79
N TYR B 39 -6.94 4.01 -1.51
CA TYR B 39 -6.44 2.77 -0.98
C TYR B 39 -7.24 1.63 -1.61
N PRO B 40 -6.60 0.57 -2.08
CA PRO B 40 -7.35 -0.53 -2.70
C PRO B 40 -8.40 -1.08 -1.77
N PRO B 41 -9.67 -1.04 -2.17
CA PRO B 41 -10.74 -1.44 -1.24
C PRO B 41 -10.64 -2.90 -0.83
N GLY B 42 -10.13 -3.78 -1.69
CA GLY B 42 -10.06 -5.17 -1.31
C GLY B 42 -9.05 -5.48 -0.21
N TRP B 43 -8.15 -4.53 0.11
CA TRP B 43 -7.23 -4.72 1.21
C TRP B 43 -7.77 -4.18 2.54
N LEU B 44 -8.70 -3.23 2.48
CA LEU B 44 -9.35 -2.75 3.69
C LEU B 44 -10.05 -3.89 4.43
N LYS B 45 -10.60 -4.85 3.67
CA LYS B 45 -11.29 -5.98 4.29
C LYS B 45 -10.57 -7.29 4.03
N ALA C 10 -8.49 14.10 -25.10
CA ALA C 10 -7.74 13.24 -25.99
C ALA C 10 -6.30 13.73 -26.14
N GLU C 11 -6.01 14.37 -27.26
CA GLU C 11 -4.67 14.92 -27.47
C GLU C 11 -4.35 15.97 -26.41
N ALA C 12 -5.32 16.81 -26.08
CA ALA C 12 -5.09 17.86 -25.08
C ALA C 12 -4.85 17.29 -23.69
N ASP C 13 -5.45 16.13 -23.38
CA ASP C 13 -5.19 15.51 -22.07
C ASP C 13 -3.78 14.96 -21.96
N ARG C 14 -3.07 14.78 -23.08
CA ARG C 14 -1.72 14.26 -23.07
C ARG C 14 -0.66 15.35 -23.11
N THR C 15 -1.04 16.59 -23.41
CA THR C 15 -0.08 17.67 -23.64
C THR C 15 -0.05 18.62 -22.45
N LEU C 16 1.15 19.10 -22.12
CA LEU C 16 1.36 20.00 -20.98
C LEU C 16 1.79 21.38 -21.47
N PHE C 17 1.36 22.40 -20.75
CA PHE C 17 1.88 23.75 -20.94
C PHE C 17 3.01 24.01 -19.97
N VAL C 18 4.15 24.45 -20.51
CA VAL C 18 5.30 24.79 -19.70
C VAL C 18 5.72 26.20 -20.07
N GLY C 19 5.81 27.09 -19.08
CA GLY C 19 6.12 28.48 -19.31
C GLY C 19 7.34 28.92 -18.53
N ASN C 20 7.62 30.23 -18.65
CA ASN C 20 8.75 30.85 -17.95
C ASN C 20 10.06 30.22 -18.42
N LEU C 21 10.07 29.75 -19.66
CA LEU C 21 11.23 29.10 -20.23
C LEU C 21 12.35 30.08 -20.54
N GLU C 22 13.56 29.65 -20.24
CA GLU C 22 14.75 30.42 -20.57
C GLU C 22 15.02 30.41 -22.07
N THR C 23 15.69 31.47 -22.54
CA THR C 23 16.00 31.60 -23.96
C THR C 23 16.92 30.49 -24.43
N LYS C 24 17.80 30.00 -23.56
CA LYS C 24 18.74 28.96 -23.98
C LYS C 24 18.06 27.61 -24.15
N VAL C 25 16.89 27.43 -23.52
CA VAL C 25 16.19 26.15 -23.58
C VAL C 25 15.84 25.80 -25.01
N THR C 26 16.09 24.55 -25.38
CA THR C 26 15.82 24.04 -26.71
C THR C 26 14.79 22.91 -26.62
N GLU C 27 14.21 22.56 -27.77
CA GLU C 27 13.25 21.46 -27.80
C GLU C 27 13.90 20.16 -27.35
N GLU C 28 15.15 19.94 -27.76
CA GLU C 28 15.88 18.75 -27.34
C GLU C 28 16.11 18.71 -25.83
N LEU C 29 16.27 19.89 -25.21
CA LEU C 29 16.46 19.91 -23.76
C LEU C 29 15.18 19.54 -23.04
N LEU C 30 14.05 20.16 -23.42
CA LEU C 30 12.77 19.87 -22.76
C LEU C 30 12.36 18.42 -22.98
N PHE C 31 12.62 17.89 -24.18
CA PHE C 31 12.38 16.47 -24.44
C PHE C 31 13.05 15.61 -23.38
N GLU C 32 14.38 15.75 -23.26
CA GLU C 32 15.13 14.95 -22.30
C GLU C 32 14.64 15.19 -20.88
N LEU C 33 14.29 16.43 -20.55
CA LEU C 33 13.86 16.74 -19.19
C LEU C 33 12.55 16.02 -18.86
N PHE C 34 11.55 16.17 -19.72
CA PHE C 34 10.26 15.57 -19.45
C PHE C 34 10.25 14.08 -19.73
N HIS C 35 11.25 13.57 -20.46
CA HIS C 35 11.41 12.14 -20.59
C HIS C 35 11.61 11.46 -19.24
N GLN C 36 12.03 12.21 -18.22
CA GLN C 36 12.15 11.66 -16.88
C GLN C 36 10.79 11.31 -16.30
N ALA C 37 9.76 12.08 -16.62
CA ALA C 37 8.44 11.85 -16.05
C ALA C 37 7.62 10.81 -16.80
N GLY C 38 7.92 10.56 -18.07
CA GLY C 38 7.24 9.56 -18.83
C GLY C 38 7.58 9.69 -20.30
N PRO C 39 7.31 8.64 -21.08
CA PRO C 39 7.61 8.68 -22.51
C PRO C 39 6.98 9.89 -23.19
N VAL C 40 7.83 10.66 -23.88
CA VAL C 40 7.43 11.90 -24.54
C VAL C 40 7.33 11.67 -26.04
N ILE C 41 6.30 12.25 -26.66
CA ILE C 41 6.12 12.16 -28.11
C ILE C 41 6.81 13.31 -28.83
N LYS C 42 6.53 14.55 -28.44
CA LYS C 42 7.13 15.71 -29.09
C LYS C 42 7.09 16.90 -28.13
N VAL C 43 8.00 17.84 -28.36
CA VAL C 43 8.03 19.12 -27.67
C VAL C 43 8.17 20.22 -28.71
N LYS C 44 7.28 21.22 -28.64
CA LYS C 44 7.27 22.33 -29.59
C LYS C 44 7.36 23.67 -28.86
N ILE C 45 8.22 24.55 -29.35
CA ILE C 45 8.29 25.94 -28.91
C ILE C 45 7.82 26.82 -30.07
N PRO C 46 6.65 27.48 -29.97
CA PRO C 46 6.07 28.22 -31.10
C PRO C 46 6.83 29.50 -31.45
N LYS C 52 10.96 34.21 -34.26
CA LYS C 52 11.62 34.18 -32.96
C LYS C 52 10.94 33.18 -32.03
N PRO C 53 11.75 32.40 -31.31
CA PRO C 53 11.17 31.46 -30.33
C PRO C 53 10.43 32.19 -29.22
N LYS C 54 9.24 31.68 -28.91
CA LYS C 54 8.44 32.20 -27.80
C LYS C 54 8.95 31.66 -26.46
N GLN C 55 8.40 32.17 -25.38
CA GLN C 55 8.86 31.86 -24.03
C GLN C 55 8.15 30.68 -23.40
N PHE C 56 7.39 29.89 -24.18
CA PHE C 56 6.69 28.74 -23.64
C PHE C 56 6.86 27.55 -24.59
N ALA C 57 6.49 26.37 -24.10
CA ALA C 57 6.59 25.16 -24.91
C ALA C 57 5.45 24.21 -24.54
N PHE C 58 5.10 23.37 -25.50
CA PHE C 58 4.13 22.29 -25.31
C PHE C 58 4.87 20.96 -25.33
N VAL C 59 4.68 20.17 -24.28
CA VAL C 59 5.22 18.83 -24.16
C VAL C 59 4.04 17.86 -24.29
N ASN C 60 4.11 16.96 -25.27
CA ASN C 60 3.04 16.00 -25.54
C ASN C 60 3.48 14.62 -25.07
N PHE C 61 2.77 14.05 -24.10
CA PHE C 61 3.13 12.76 -23.54
C PHE C 61 2.44 11.62 -24.27
N LYS C 62 3.03 10.43 -24.17
CA LYS C 62 2.42 9.23 -24.74
C LYS C 62 1.18 8.83 -23.94
N HIS C 63 1.20 9.01 -22.62
CA HIS C 63 0.10 8.58 -21.78
C HIS C 63 -0.34 9.68 -20.82
N GLU C 64 -1.66 9.82 -20.67
CA GLU C 64 -2.24 10.83 -19.79
C GLU C 64 -1.75 10.70 -18.35
N VAL C 65 -1.45 9.48 -17.90
CA VAL C 65 -0.98 9.30 -16.53
C VAL C 65 0.34 10.02 -16.31
N SER C 66 1.11 10.26 -17.38
CA SER C 66 2.34 11.01 -17.27
C SER C 66 2.11 12.49 -16.95
N VAL C 67 0.94 13.03 -17.27
CA VAL C 67 0.71 14.47 -17.15
C VAL C 67 0.70 14.90 -15.70
N PRO C 68 -0.14 14.33 -14.82
CA PRO C 68 -0.10 14.78 -13.42
C PRO C 68 1.22 14.50 -12.75
N TYR C 69 1.88 13.40 -13.13
CA TYR C 69 3.17 13.06 -12.56
C TYR C 69 4.22 14.10 -12.93
N ALA C 70 4.28 14.46 -14.23
CA ALA C 70 5.24 15.47 -14.66
C ALA C 70 5.02 16.78 -13.93
N MET C 71 3.76 17.13 -13.67
CA MET C 71 3.45 18.33 -12.92
C MET C 71 4.07 18.28 -11.54
N ASN C 72 3.94 17.15 -10.86
CA ASN C 72 4.48 17.03 -9.49
C ASN C 72 6.00 16.98 -9.51
N LEU C 73 6.59 16.28 -10.46
CA LEU C 73 8.03 16.08 -10.46
C LEU C 73 8.77 17.35 -10.88
N LEU C 74 8.25 18.07 -11.86
CA LEU C 74 9.05 19.08 -12.55
C LEU C 74 8.57 20.50 -12.36
N ASN C 75 7.40 20.73 -11.77
CA ASN C 75 6.93 22.10 -11.61
C ASN C 75 7.91 22.86 -10.71
N GLY C 76 8.30 24.05 -11.13
CA GLY C 76 9.18 24.91 -10.36
C GLY C 76 10.65 24.61 -10.49
N ILE C 77 11.02 23.53 -11.22
CA ILE C 77 12.42 23.22 -11.44
C ILE C 77 13.06 24.36 -12.22
N LYS C 78 14.25 24.78 -11.79
CA LYS C 78 14.93 25.89 -12.44
C LYS C 78 15.71 25.37 -13.65
N LEU C 79 15.43 25.95 -14.82
CA LEU C 79 16.19 25.69 -16.05
C LEU C 79 16.90 26.99 -16.40
N TYR C 80 18.22 26.99 -16.30
CA TYR C 80 19.03 28.20 -16.55
C TYR C 80 18.58 29.34 -15.63
N GLY C 81 18.28 29.02 -14.38
CA GLY C 81 17.95 30.01 -13.38
C GLY C 81 16.50 30.43 -13.29
N ARG C 82 15.63 29.95 -14.17
CA ARG C 82 14.23 30.35 -14.18
C ARG C 82 13.37 29.15 -13.84
N PRO C 83 12.59 29.19 -12.76
CA PRO C 83 11.74 28.04 -12.43
C PRO C 83 10.63 27.92 -13.47
N ILE C 84 10.55 26.77 -14.11
CA ILE C 84 9.53 26.58 -15.14
C ILE C 84 8.15 26.51 -14.48
N LYS C 85 7.13 26.95 -15.22
CA LYS C 85 5.76 27.02 -14.73
C LYS C 85 4.89 26.13 -15.62
N ILE C 86 4.45 25.01 -15.06
CA ILE C 86 3.70 23.98 -15.78
C ILE C 86 2.21 24.14 -15.50
N GLN C 87 1.43 24.42 -16.54
CA GLN C 87 -0.02 24.42 -16.46
C GLN C 87 -0.63 23.23 -17.21
N PHE C 88 -1.72 22.70 -16.66
CA PHE C 88 -2.51 21.71 -17.38
C PHE C 88 -3.22 22.36 -18.56
N ARG C 89 -3.04 21.82 -19.75
CA ARG C 89 -3.76 22.35 -20.91
C ARG C 89 -5.23 21.98 -20.88
N SER C 90 -5.56 20.83 -20.28
CA SER C 90 -6.94 20.41 -20.13
C SER C 90 -7.35 20.46 -18.66
N PHE D 7 14.63 3.31 -19.98
CA PHE D 7 14.42 4.43 -19.06
C PHE D 7 15.41 4.42 -17.90
N LYS D 8 16.45 5.25 -18.00
CA LYS D 8 17.40 5.38 -16.90
C LYS D 8 17.08 6.55 -15.96
N PRO D 9 16.47 6.30 -14.78
CA PRO D 9 16.10 7.41 -13.88
C PRO D 9 17.33 8.12 -13.31
N GLY D 10 17.26 9.45 -13.26
CA GLY D 10 18.33 10.27 -12.72
C GLY D 10 19.60 10.33 -13.53
N VAL D 11 19.64 9.71 -14.69
CA VAL D 11 20.76 9.83 -15.63
C VAL D 11 20.45 10.95 -16.61
N ILE D 12 21.27 11.99 -16.63
CA ILE D 12 21.04 13.11 -17.53
C ILE D 12 22.33 13.45 -18.26
N SER D 13 22.18 14.18 -19.35
CA SER D 13 23.28 14.59 -20.20
C SER D 13 24.03 15.75 -19.56
N GLU D 14 25.20 16.07 -20.13
CA GLU D 14 25.95 17.21 -19.63
C GLU D 14 25.20 18.49 -19.94
N GLU D 15 24.52 18.56 -21.08
CA GLU D 15 23.77 19.75 -21.45
C GLU D 15 22.67 20.03 -20.45
N LEU D 16 21.92 18.99 -20.05
CA LEU D 16 20.88 19.18 -19.05
C LEU D 16 21.48 19.44 -17.69
N GLN D 17 22.60 18.78 -17.37
CA GLN D 17 23.28 19.04 -16.10
C GLN D 17 23.68 20.51 -15.99
N ASP D 18 24.25 21.06 -17.06
CA ASP D 18 24.61 22.48 -17.05
C ASP D 18 23.38 23.35 -16.87
N ALA D 19 22.25 22.95 -17.47
CA ALA D 19 21.01 23.70 -17.34
C ALA D 19 20.51 23.70 -15.90
N LEU D 20 20.65 22.57 -15.20
CA LEU D 20 20.19 22.48 -13.82
C LEU D 20 21.14 23.10 -12.81
N GLY D 21 22.38 23.39 -13.20
CA GLY D 21 23.33 23.93 -12.24
C GLY D 21 23.97 22.89 -11.35
N VAL D 22 24.08 21.65 -11.82
CA VAL D 22 24.60 20.54 -11.02
C VAL D 22 26.12 20.55 -11.19
N THR D 23 26.83 21.10 -10.19
CA THR D 23 28.27 21.22 -10.26
C THR D 23 28.99 19.90 -10.01
N ASP D 24 28.28 18.78 -9.90
CA ASP D 24 28.90 17.47 -9.68
C ASP D 24 28.20 16.47 -10.59
N LYS D 25 28.97 15.90 -11.53
CA LYS D 25 28.37 15.07 -12.57
C LYS D 25 27.69 13.83 -12.00
N SER D 26 28.30 13.19 -11.00
CA SER D 26 27.82 11.90 -10.52
C SER D 26 26.60 12.00 -9.62
N LEU D 27 26.13 13.20 -9.28
CA LEU D 27 25.00 13.35 -8.37
C LEU D 27 23.69 13.27 -9.15
N PRO D 28 22.90 12.22 -8.97
CA PRO D 28 21.64 12.06 -9.74
C PRO D 28 20.61 13.08 -9.30
N PRO D 29 19.97 13.80 -10.24
CA PRO D 29 19.12 14.94 -9.83
C PRO D 29 17.72 14.62 -9.29
N PHE D 30 16.89 13.84 -9.97
CA PHE D 30 15.49 13.76 -9.55
C PHE D 30 15.19 12.57 -8.63
N ILE D 31 16.19 11.72 -8.38
CA ILE D 31 15.95 10.44 -7.73
C ILE D 31 15.26 10.62 -6.38
N TYR D 32 15.78 11.53 -5.53
CA TYR D 32 15.26 11.58 -4.17
C TYR D 32 13.79 11.97 -4.11
N ARG D 33 13.37 12.84 -5.04
CA ARG D 33 11.97 13.22 -5.13
C ARG D 33 11.14 12.15 -5.81
N MET D 34 11.71 11.44 -6.78
CA MET D 34 11.01 10.46 -7.61
C MET D 34 10.68 9.20 -6.82
N ARG D 35 11.57 8.84 -5.90
CA ARG D 35 11.42 7.67 -5.04
C ARG D 35 10.22 7.81 -4.11
N GLN D 36 9.86 9.05 -3.76
CA GLN D 36 8.72 9.32 -2.91
C GLN D 36 7.43 9.40 -3.70
N LEU D 37 7.47 10.01 -4.88
CA LEU D 37 6.30 9.95 -5.75
C LEU D 37 6.08 8.54 -6.25
N GLY D 38 7.13 7.73 -6.33
CA GLY D 38 7.00 6.42 -6.92
C GLY D 38 7.41 6.42 -8.38
N TYR D 39 7.44 5.21 -8.94
CA TYR D 39 7.90 5.03 -10.30
C TYR D 39 6.91 5.68 -11.27
N PRO D 40 7.40 6.43 -12.25
CA PRO D 40 6.51 7.10 -13.20
C PRO D 40 5.54 6.11 -13.84
N PRO D 41 4.24 6.35 -13.72
CA PRO D 41 3.28 5.37 -14.21
C PRO D 41 3.36 5.17 -15.72
N GLY D 42 3.72 6.21 -16.47
CA GLY D 42 3.79 6.09 -17.91
C GLY D 42 4.92 5.25 -18.45
N TRP D 43 5.90 4.89 -17.61
CA TRP D 43 6.96 3.99 -18.05
C TRP D 43 6.65 2.51 -17.80
N LEU D 44 5.82 2.20 -16.80
CA LEU D 44 5.39 0.82 -16.64
C LEU D 44 4.61 0.35 -17.86
N LYS D 45 3.86 1.26 -18.48
CA LYS D 45 3.06 0.94 -19.64
C LYS D 45 3.30 1.93 -20.77
N ALA E 10 2.57 26.58 3.87
CA ALA E 10 3.85 25.97 3.55
C ALA E 10 4.94 26.43 4.52
N GLU E 11 4.71 27.59 5.16
CA GLU E 11 5.73 28.21 5.99
C GLU E 11 6.07 27.37 7.21
N ALA E 12 5.04 26.83 7.89
CA ALA E 12 5.28 25.96 9.03
C ALA E 12 5.94 24.64 8.62
N ASP E 13 5.68 24.17 7.40
CA ASP E 13 6.20 22.89 6.95
C ASP E 13 7.73 22.89 6.83
N ARG E 14 8.31 23.98 6.34
CA ARG E 14 9.74 24.02 6.01
C ARG E 14 10.63 24.43 7.20
N THR E 15 10.41 23.82 8.36
CA THR E 15 11.17 24.13 9.57
C THR E 15 11.67 22.84 10.22
N LEU E 16 12.93 22.86 10.68
CA LEU E 16 13.55 21.74 11.36
C LEU E 16 14.03 22.13 12.75
N PHE E 17 13.80 21.25 13.71
CA PHE E 17 14.29 21.42 15.08
C PHE E 17 15.49 20.51 15.30
N VAL E 18 16.62 21.10 15.70
CA VAL E 18 17.87 20.39 15.94
C VAL E 18 18.20 20.45 17.41
N GLY E 19 18.40 19.28 18.03
CA GLY E 19 18.75 19.18 19.42
C GLY E 19 20.14 18.58 19.58
N ASN E 20 20.64 18.62 20.82
CA ASN E 20 21.94 18.08 21.19
C ASN E 20 23.10 18.88 20.61
N LEU E 21 22.87 20.16 20.28
CA LEU E 21 23.95 21.00 19.81
C LEU E 21 25.00 21.15 20.91
N GLU E 22 26.27 21.09 20.51
CA GLU E 22 27.33 21.32 21.48
C GLU E 22 27.30 22.77 21.95
N THR E 23 28.00 23.02 23.06
CA THR E 23 28.02 24.38 23.61
C THR E 23 28.74 25.35 22.67
N LYS E 24 29.66 24.85 21.84
CA LYS E 24 30.43 25.68 20.93
C LYS E 24 29.75 25.95 19.60
N VAL E 25 28.77 25.14 19.21
CA VAL E 25 28.12 25.30 17.91
C VAL E 25 27.53 26.69 17.78
N THR E 26 27.73 27.30 16.60
CA THR E 26 27.24 28.65 16.32
C THR E 26 26.09 28.61 15.33
N GLU E 27 25.33 29.70 15.30
CA GLU E 27 24.22 29.81 14.35
C GLU E 27 24.71 29.92 12.91
N GLU E 28 25.84 30.58 12.69
CA GLU E 28 26.37 30.68 11.33
C GLU E 28 26.91 29.34 10.85
N LEU E 29 27.37 28.49 11.76
CA LEU E 29 27.88 27.18 11.38
C LEU E 29 26.75 26.26 10.93
N LEU E 30 25.64 26.23 11.69
CA LEU E 30 24.51 25.42 11.27
C LEU E 30 23.98 25.85 9.91
N PHE E 31 24.09 27.15 9.59
CA PHE E 31 23.66 27.62 8.28
C PHE E 31 24.47 26.96 7.18
N GLU E 32 25.80 26.96 7.32
CA GLU E 32 26.67 26.36 6.32
C GLU E 32 26.40 24.86 6.19
N LEU E 33 26.13 24.19 7.31
CA LEU E 33 25.89 22.75 7.28
C LEU E 33 24.61 22.41 6.53
N PHE E 34 23.48 22.96 6.97
CA PHE E 34 22.20 22.67 6.34
C PHE E 34 22.09 23.23 4.93
N HIS E 35 23.00 24.13 4.53
CA HIS E 35 23.05 24.56 3.14
C HIS E 35 23.33 23.39 2.21
N GLN E 36 23.98 22.35 2.71
CA GLN E 36 24.22 21.16 1.89
C GLN E 36 22.91 20.47 1.52
N ALA E 37 21.97 20.38 2.45
CA ALA E 37 20.69 19.74 2.18
C ALA E 37 19.84 20.56 1.22
N GLY E 38 19.88 21.88 1.34
CA GLY E 38 19.11 22.74 0.46
C GLY E 38 19.30 24.19 0.84
N PRO E 39 18.79 25.10 0.00
CA PRO E 39 18.84 26.52 0.36
C PRO E 39 18.22 26.78 1.72
N VAL E 40 18.96 27.51 2.56
CA VAL E 40 18.56 27.80 3.94
C VAL E 40 18.29 29.28 4.05
N ILE E 41 17.15 29.63 4.65
CA ILE E 41 16.77 31.03 4.77
C ILE E 41 17.42 31.66 6.00
N LYS E 42 17.15 31.11 7.17
CA LYS E 42 17.70 31.65 8.41
C LYS E 42 17.70 30.55 9.47
N VAL E 43 18.66 30.63 10.39
CA VAL E 43 18.72 29.75 11.54
C VAL E 43 18.90 30.59 12.80
N LYS E 44 18.07 30.32 13.80
CA LYS E 44 18.07 31.06 15.06
C LYS E 44 18.13 30.07 16.21
N ILE E 45 19.01 30.34 17.18
CA ILE E 45 19.20 29.50 18.36
C ILE E 45 18.67 30.28 19.58
N PRO E 46 17.54 29.87 20.17
CA PRO E 46 16.94 30.56 21.32
C PRO E 46 17.86 30.59 22.55
N GLN E 55 20.15 25.27 24.01
CA GLN E 55 20.96 24.13 23.58
C GLN E 55 20.47 23.58 22.24
N PHE E 56 19.38 24.16 21.73
CA PHE E 56 18.81 23.75 20.46
C PHE E 56 18.63 24.97 19.57
N ALA E 57 18.41 24.72 18.27
CA ALA E 57 18.22 25.78 17.30
C ALA E 57 17.14 25.38 16.30
N PHE E 58 16.71 26.34 15.50
CA PHE E 58 15.70 26.15 14.47
C PHE E 58 16.25 26.52 13.10
N VAL E 59 15.96 25.69 12.10
CA VAL E 59 16.46 25.86 10.74
C VAL E 59 15.27 26.08 9.81
N ASN E 60 15.33 27.15 9.02
CA ASN E 60 14.30 27.46 8.04
C ASN E 60 14.85 27.25 6.64
N PHE E 61 14.26 26.32 5.90
CA PHE E 61 14.64 26.04 4.53
C PHE E 61 13.80 26.85 3.56
N LYS E 62 14.36 27.08 2.37
CA LYS E 62 13.61 27.82 1.36
C LYS E 62 12.45 27.02 0.80
N HIS E 63 12.60 25.70 0.69
CA HIS E 63 11.54 24.83 0.18
C HIS E 63 11.30 23.69 1.16
N GLU E 64 10.07 23.15 1.12
CA GLU E 64 9.73 22.06 2.01
C GLU E 64 10.48 20.79 1.65
N VAL E 65 10.77 20.57 0.36
CA VAL E 65 11.36 19.30 -0.08
C VAL E 65 12.66 19.02 0.65
N SER E 66 13.39 20.07 1.05
CA SER E 66 14.65 19.89 1.75
C SER E 66 14.48 19.35 3.16
N VAL E 67 13.31 19.55 3.80
CA VAL E 67 13.13 19.09 5.17
C VAL E 67 13.35 17.59 5.29
N PRO E 68 12.69 16.73 4.51
CA PRO E 68 13.01 15.28 4.61
C PRO E 68 14.43 14.98 4.21
N TYR E 69 14.95 15.67 3.18
CA TYR E 69 16.31 15.42 2.72
C TYR E 69 17.33 15.75 3.78
N ALA E 70 17.15 16.88 4.48
CA ALA E 70 18.07 17.25 5.55
C ALA E 70 18.11 16.18 6.63
N MET E 71 16.94 15.65 7.00
CA MET E 71 16.89 14.58 7.99
C MET E 71 17.69 13.38 7.52
N ASN E 72 17.44 12.94 6.29
CA ASN E 72 18.13 11.76 5.76
C ASN E 72 19.62 12.00 5.62
N LEU E 73 20.01 13.22 5.28
CA LEU E 73 21.42 13.51 5.01
C LEU E 73 22.19 13.83 6.30
N LEU E 74 21.63 14.67 7.17
CA LEU E 74 22.41 15.28 8.23
C LEU E 74 22.14 14.74 9.63
N ASN E 75 21.04 14.02 9.85
CA ASN E 75 20.72 13.58 11.21
C ASN E 75 21.78 12.64 11.75
N GLY E 76 22.20 12.87 12.99
CA GLY E 76 23.15 12.03 13.67
C GLY E 76 24.61 12.41 13.52
N ILE E 77 24.94 13.35 12.63
CA ILE E 77 26.31 13.76 12.43
C ILE E 77 26.84 14.43 13.69
N LYS E 78 28.09 14.14 14.03
CA LYS E 78 28.68 14.62 15.28
C LYS E 78 29.22 16.03 15.10
N LEU E 79 28.73 16.97 15.91
CA LEU E 79 29.24 18.33 15.97
C LEU E 79 30.02 18.49 17.27
N TYR E 80 31.31 18.79 17.15
CA TYR E 80 32.21 18.90 18.31
C TYR E 80 32.16 17.63 19.17
N GLY E 81 31.99 16.49 18.51
CA GLY E 81 31.94 15.23 19.21
C GLY E 81 30.57 14.86 19.75
N ARG E 82 29.58 15.73 19.59
CA ARG E 82 28.23 15.47 20.08
C ARG E 82 27.30 15.37 18.89
N PRO E 83 26.67 14.21 18.66
CA PRO E 83 25.85 14.06 17.46
C PRO E 83 24.58 14.88 17.54
N ILE E 84 24.20 15.45 16.41
CA ILE E 84 22.99 16.27 16.35
C ILE E 84 21.78 15.35 16.30
N LYS E 85 20.68 15.83 16.86
CA LYS E 85 19.39 15.16 16.79
C LYS E 85 18.44 16.06 16.01
N ILE E 86 17.96 15.58 14.86
CA ILE E 86 17.09 16.35 13.99
C ILE E 86 15.68 15.80 14.16
N GLN E 87 14.71 16.71 14.32
CA GLN E 87 13.31 16.34 14.50
C GLN E 87 12.42 17.33 13.78
N PHE E 88 11.28 16.84 13.30
CA PHE E 88 10.31 17.69 12.63
C PHE E 88 9.48 18.47 13.63
N ARG E 89 9.29 19.76 13.36
CA ARG E 89 8.44 20.60 14.19
C ARG E 89 6.98 20.58 13.75
N SER E 90 6.69 19.99 12.60
CA SER E 90 5.33 19.89 12.10
C SER E 90 5.21 18.70 11.17
N ARG F 6 26.55 27.17 -9.21
CA ARG F 6 26.77 28.02 -8.04
C ARG F 6 26.74 27.21 -6.73
N PHE F 7 26.05 26.06 -6.72
CA PHE F 7 26.01 25.15 -5.57
C PHE F 7 27.04 24.04 -5.80
N LYS F 8 28.24 24.21 -5.26
CA LYS F 8 29.23 23.14 -5.28
C LYS F 8 29.09 22.23 -4.06
N PRO F 9 28.49 21.05 -4.19
CA PRO F 9 28.26 20.21 -3.00
C PRO F 9 29.57 19.76 -2.35
N GLY F 10 29.55 19.67 -1.03
CA GLY F 10 30.66 19.19 -0.23
C GLY F 10 31.82 20.14 -0.03
N VAL F 11 31.75 21.37 -0.52
CA VAL F 11 32.76 22.38 -0.23
C VAL F 11 32.36 23.11 1.05
N ILE F 12 33.21 23.03 2.07
CA ILE F 12 32.90 23.57 3.39
C ILE F 12 34.03 24.48 3.89
N SER F 13 33.68 25.32 4.87
CA SER F 13 34.59 26.29 5.45
C SER F 13 35.52 25.60 6.44
N GLU F 14 36.55 26.33 6.86
CA GLU F 14 37.50 25.78 7.83
C GLU F 14 36.85 25.61 9.20
N GLU F 15 35.96 26.53 9.59
CA GLU F 15 35.30 26.41 10.88
C GLU F 15 34.42 25.16 10.96
N LEU F 16 33.71 24.85 9.87
CA LEU F 16 32.85 23.68 9.85
C LEU F 16 33.66 22.39 9.90
N GLN F 17 34.83 22.37 9.26
CA GLN F 17 35.67 21.17 9.30
C GLN F 17 36.01 20.77 10.73
N ASP F 18 36.38 21.74 11.56
CA ASP F 18 36.74 21.44 12.94
C ASP F 18 35.57 20.87 13.72
N ALA F 19 34.35 21.36 13.46
CA ALA F 19 33.18 20.85 14.18
C ALA F 19 32.88 19.39 13.83
N LEU F 20 32.98 19.03 12.54
CA LEU F 20 32.68 17.67 12.11
C LEU F 20 33.82 16.69 12.38
N GLY F 21 34.99 17.19 12.78
CA GLY F 21 36.14 16.34 12.99
C GLY F 21 36.85 15.83 11.77
N VAL F 22 36.78 16.55 10.65
CA VAL F 22 37.38 16.05 9.41
C VAL F 22 38.87 16.38 9.39
N THR F 23 39.66 15.52 8.77
CA THR F 23 41.10 15.74 8.77
C THR F 23 41.58 16.24 7.41
N ASP F 24 41.73 15.35 6.44
CA ASP F 24 42.19 15.79 5.12
C ASP F 24 41.16 16.71 4.48
N LYS F 25 41.65 17.64 3.65
CA LYS F 25 40.85 18.75 3.17
C LYS F 25 40.58 18.71 1.67
N SER F 26 41.12 17.74 0.93
CA SER F 26 40.75 17.60 -0.47
C SER F 26 39.60 16.63 -0.69
N LEU F 27 39.17 15.93 0.36
CA LEU F 27 38.08 14.96 0.29
C LEU F 27 36.73 15.60 0.61
N PRO F 28 35.80 15.66 -0.34
CA PRO F 28 34.52 16.31 -0.09
C PRO F 28 33.67 15.51 0.86
N PRO F 29 33.20 16.10 1.96
CA PRO F 29 32.28 15.40 2.86
C PRO F 29 30.85 15.52 2.37
N PHE F 30 30.04 14.54 2.78
CA PHE F 30 28.62 14.36 2.51
C PHE F 30 28.38 13.89 1.09
N ILE F 31 29.41 13.87 0.24
CA ILE F 31 29.21 13.51 -1.16
C ILE F 31 28.69 12.09 -1.29
N TYR F 32 29.17 11.16 -0.44
CA TYR F 32 28.94 9.75 -0.71
C TYR F 32 27.51 9.33 -0.41
N ARG F 33 26.92 9.74 0.73
CA ARG F 33 25.48 9.52 0.87
C ARG F 33 24.71 10.35 -0.15
N MET F 34 25.11 11.60 -0.38
CA MET F 34 24.40 12.44 -1.33
C MET F 34 24.26 11.70 -2.67
N ARG F 35 25.29 10.94 -3.04
CA ARG F 35 25.23 10.13 -4.25
C ARG F 35 24.16 9.06 -4.15
N GLN F 36 23.86 8.61 -2.93
CA GLN F 36 22.87 7.57 -2.73
C GLN F 36 21.47 8.16 -2.69
N LEU F 37 21.30 9.22 -1.91
CA LEU F 37 20.00 9.88 -1.82
C LEU F 37 19.65 10.58 -3.13
N GLY F 38 20.64 10.97 -3.91
CA GLY F 38 20.36 11.81 -5.06
C GLY F 38 20.64 13.27 -4.74
N TYR F 39 20.53 14.08 -5.78
CA TYR F 39 20.85 15.50 -5.66
C TYR F 39 19.82 16.16 -4.74
N PRO F 40 20.27 17.00 -3.81
CA PRO F 40 19.34 17.66 -2.90
C PRO F 40 18.25 18.34 -3.69
N PRO F 41 17.00 17.95 -3.48
CA PRO F 41 15.93 18.45 -4.36
C PRO F 41 15.76 19.95 -4.31
N GLY F 42 15.99 20.57 -3.16
CA GLY F 42 15.75 22.00 -3.03
C GLY F 42 16.71 22.88 -3.81
N TRP F 43 17.78 22.30 -4.34
CA TRP F 43 18.68 23.06 -5.19
C TRP F 43 18.27 23.05 -6.65
N LEU F 44 17.55 22.02 -7.08
CA LEU F 44 16.99 22.05 -8.43
C LEU F 44 15.98 23.19 -8.58
N LYS F 45 15.20 23.45 -7.53
CA LYS F 45 14.22 24.54 -7.55
C LYS F 45 14.91 25.89 -7.34
N GLU G 11 27.07 -19.99 7.57
CA GLU G 11 26.90 -20.41 6.18
C GLU G 11 27.10 -21.91 6.03
N ALA G 12 28.14 -22.45 6.69
CA ALA G 12 28.35 -23.89 6.65
C ALA G 12 27.24 -24.64 7.36
N ASP G 13 26.68 -24.05 8.43
CA ASP G 13 25.60 -24.72 9.15
C ASP G 13 24.34 -24.79 8.30
N ARG G 14 24.00 -23.71 7.60
CA ARG G 14 22.80 -23.68 6.78
C ARG G 14 23.08 -24.06 5.35
N THR G 15 23.90 -25.08 5.11
CA THR G 15 24.22 -25.51 3.76
C THR G 15 24.16 -27.02 3.67
N LEU G 16 23.52 -27.52 2.62
CA LEU G 16 23.44 -28.93 2.32
C LEU G 16 24.00 -29.15 0.92
N PHE G 17 24.78 -30.22 0.75
CA PHE G 17 25.33 -30.57 -0.54
C PHE G 17 24.48 -31.68 -1.16
N VAL G 18 23.95 -31.42 -2.35
CA VAL G 18 23.14 -32.38 -3.09
C VAL G 18 23.95 -32.80 -4.31
N GLY G 19 24.27 -34.10 -4.39
CA GLY G 19 25.06 -34.63 -5.47
C GLY G 19 24.32 -35.66 -6.29
N ASN G 20 24.96 -36.08 -7.39
CA ASN G 20 24.46 -37.09 -8.32
C ASN G 20 23.29 -36.59 -9.14
N LEU G 21 23.16 -35.27 -9.28
CA LEU G 21 22.13 -34.69 -10.13
C LEU G 21 22.38 -35.05 -11.59
N GLU G 22 21.30 -35.32 -12.32
CA GLU G 22 21.41 -35.58 -13.73
C GLU G 22 21.86 -34.31 -14.46
N THR G 23 22.27 -34.48 -15.73
CA THR G 23 22.75 -33.35 -16.50
C THR G 23 21.65 -32.32 -16.77
N LYS G 24 20.38 -32.74 -16.76
CA LYS G 24 19.29 -31.84 -17.08
C LYS G 24 18.84 -31.01 -15.89
N VAL G 25 19.13 -31.45 -14.66
CA VAL G 25 18.71 -30.70 -13.48
C VAL G 25 19.30 -29.29 -13.53
N THR G 26 18.47 -28.30 -13.22
CA THR G 26 18.88 -26.91 -13.21
C THR G 26 18.94 -26.39 -11.79
N GLU G 27 19.65 -25.27 -11.62
CA GLU G 27 19.71 -24.64 -10.30
C GLU G 27 18.34 -24.12 -9.87
N GLU G 28 17.52 -23.69 -10.84
CA GLU G 28 16.17 -23.26 -10.52
C GLU G 28 15.28 -24.44 -10.14
N LEU G 29 15.57 -25.63 -10.68
CA LEU G 29 14.78 -26.80 -10.35
C LEU G 29 15.02 -27.24 -8.91
N LEU G 30 16.29 -27.36 -8.52
CA LEU G 30 16.62 -27.70 -7.14
C LEU G 30 16.09 -26.66 -6.17
N PHE G 31 15.99 -25.40 -6.61
CA PHE G 31 15.44 -24.36 -5.75
C PHE G 31 13.98 -24.64 -5.39
N GLU G 32 13.14 -24.89 -6.40
CA GLU G 32 11.73 -25.17 -6.13
C GLU G 32 11.57 -26.48 -5.37
N LEU G 33 12.37 -27.48 -5.69
CA LEU G 33 12.25 -28.78 -5.03
C LEU G 33 12.53 -28.65 -3.54
N PHE G 34 13.72 -28.19 -3.19
CA PHE G 34 14.10 -28.03 -1.79
C PHE G 34 13.28 -26.97 -1.07
N HIS G 35 12.53 -26.14 -1.81
CA HIS G 35 11.59 -25.22 -1.19
C HIS G 35 10.51 -25.95 -0.39
N GLN G 36 10.23 -27.21 -0.74
CA GLN G 36 9.28 -27.99 0.04
C GLN G 36 9.77 -28.21 1.45
N ALA G 37 11.07 -28.50 1.61
CA ALA G 37 11.63 -28.71 2.94
C ALA G 37 11.67 -27.42 3.75
N GLY G 38 11.99 -26.29 3.11
CA GLY G 38 12.03 -25.02 3.79
C GLY G 38 12.46 -23.90 2.86
N PRO G 39 12.30 -22.65 3.31
CA PRO G 39 12.73 -21.51 2.50
C PRO G 39 14.20 -21.59 2.13
N VAL G 40 14.49 -21.37 0.85
CA VAL G 40 15.83 -21.48 0.29
C VAL G 40 16.29 -20.10 -0.15
N ILE G 41 17.53 -19.76 0.23
CA ILE G 41 18.09 -18.45 -0.11
C ILE G 41 18.64 -18.45 -1.53
N LYS G 42 19.56 -19.38 -1.82
CA LYS G 42 20.16 -19.47 -3.14
C LYS G 42 20.66 -20.89 -3.37
N VAL G 43 20.66 -21.30 -4.64
CA VAL G 43 21.19 -22.59 -5.06
C VAL G 43 22.18 -22.35 -6.18
N LYS G 44 23.39 -22.90 -6.04
CA LYS G 44 24.45 -22.69 -7.02
C LYS G 44 25.05 -24.02 -7.44
N ILE G 45 25.24 -24.20 -8.73
CA ILE G 45 25.88 -25.40 -9.26
C ILE G 45 27.23 -24.96 -9.82
N PRO G 46 28.34 -25.21 -9.12
CA PRO G 46 29.69 -24.80 -9.54
C PRO G 46 30.14 -25.48 -10.83
N GLN G 55 27.80 -32.17 -11.48
CA GLN G 55 26.86 -33.22 -11.14
C GLN G 55 26.37 -33.06 -9.70
N PHE G 56 26.92 -32.06 -9.02
CA PHE G 56 26.54 -31.74 -7.65
C PHE G 56 26.22 -30.26 -7.56
N ALA G 57 25.50 -29.88 -6.51
CA ALA G 57 25.14 -28.49 -6.28
C ALA G 57 25.14 -28.21 -4.78
N PHE G 58 25.06 -26.93 -4.44
CA PHE G 58 25.01 -26.49 -3.06
C PHE G 58 23.72 -25.71 -2.83
N VAL G 59 23.04 -26.02 -1.71
CA VAL G 59 21.78 -25.39 -1.35
C VAL G 59 21.97 -24.66 -0.03
N ASN G 60 21.60 -23.38 -0.01
CA ASN G 60 21.71 -22.55 1.18
C ASN G 60 20.30 -22.30 1.72
N PHE G 61 20.04 -22.75 2.94
CA PHE G 61 18.75 -22.53 3.57
C PHE G 61 18.80 -21.25 4.39
N LYS G 62 17.64 -20.61 4.53
CA LYS G 62 17.56 -19.39 5.34
C LYS G 62 17.73 -19.71 6.82
N HIS G 63 17.28 -20.89 7.24
CA HIS G 63 17.36 -21.30 8.63
C HIS G 63 18.07 -22.64 8.71
N GLU G 64 18.73 -22.89 9.84
CA GLU G 64 19.46 -24.14 10.00
C GLU G 64 18.51 -25.33 10.12
N VAL G 65 17.33 -25.12 10.70
CA VAL G 65 16.40 -26.23 10.96
C VAL G 65 15.99 -26.93 9.68
N SER G 66 15.97 -26.21 8.56
CA SER G 66 15.56 -26.86 7.30
C SER G 66 16.59 -27.85 6.82
N VAL G 67 17.87 -27.68 7.18
CA VAL G 67 18.91 -28.61 6.72
C VAL G 67 18.62 -30.04 7.15
N PRO G 68 18.37 -30.34 8.44
CA PRO G 68 18.03 -31.73 8.80
C PRO G 68 16.74 -32.20 8.17
N TYR G 69 15.73 -31.33 8.11
CA TYR G 69 14.44 -31.70 7.55
C TYR G 69 14.56 -32.04 6.07
N ALA G 70 15.33 -31.23 5.33
CA ALA G 70 15.59 -31.53 3.92
C ALA G 70 16.22 -32.91 3.77
N MET G 71 17.10 -33.27 4.69
CA MET G 71 17.71 -34.60 4.67
C MET G 71 16.64 -35.68 4.77
N ASN G 72 15.72 -35.54 5.74
CA ASN G 72 14.71 -36.58 5.94
C ASN G 72 13.71 -36.65 4.78
N LEU G 73 13.39 -35.52 4.18
CA LEU G 73 12.33 -35.46 3.17
C LEU G 73 12.82 -35.78 1.76
N LEU G 74 13.93 -35.17 1.33
CA LEU G 74 14.29 -35.15 -0.08
C LEU G 74 15.46 -36.04 -0.45
N ASN G 75 16.25 -36.51 0.51
CA ASN G 75 17.41 -37.32 0.17
C ASN G 75 16.98 -38.59 -0.53
N GLY G 76 17.64 -38.90 -1.64
CA GLY G 76 17.37 -40.10 -2.40
C GLY G 76 16.34 -39.96 -3.50
N ILE G 77 15.67 -38.81 -3.60
CA ILE G 77 14.67 -38.62 -4.64
C ILE G 77 15.32 -38.68 -6.01
N LYS G 78 14.65 -39.35 -6.95
CA LYS G 78 15.18 -39.52 -8.30
C LYS G 78 14.76 -38.32 -9.14
N LEU G 79 15.74 -37.58 -9.65
CA LEU G 79 15.51 -36.45 -10.54
C LEU G 79 15.96 -36.84 -11.95
N TYR G 80 15.03 -36.81 -12.89
CA TYR G 80 15.27 -37.28 -14.26
C TYR G 80 15.77 -38.72 -14.25
N GLY G 81 15.26 -39.52 -13.31
CA GLY G 81 15.61 -40.92 -13.17
C GLY G 81 16.86 -41.23 -12.36
N ARG G 82 17.57 -40.21 -11.88
CA ARG G 82 18.82 -40.43 -11.13
C ARG G 82 18.64 -39.92 -9.70
N PRO G 83 18.79 -40.78 -8.69
CA PRO G 83 18.53 -40.34 -7.32
C PRO G 83 19.60 -39.38 -6.83
N ILE G 84 19.16 -38.35 -6.10
CA ILE G 84 20.08 -37.36 -5.57
C ILE G 84 20.68 -37.87 -4.26
N LYS G 85 21.94 -37.51 -4.02
CA LYS G 85 22.62 -37.83 -2.77
C LYS G 85 22.86 -36.52 -2.02
N ILE G 86 22.24 -36.39 -0.85
CA ILE G 86 22.35 -35.19 -0.03
C ILE G 86 23.22 -35.49 1.18
N GLN G 87 24.12 -34.56 1.50
CA GLN G 87 25.02 -34.72 2.63
C GLN G 87 25.18 -33.37 3.32
N PHE G 88 25.34 -33.41 4.64
CA PHE G 88 25.53 -32.21 5.44
C PHE G 88 26.96 -31.71 5.33
N ARG G 89 27.11 -30.40 5.19
CA ARG G 89 28.43 -29.78 5.13
C ARG G 89 28.98 -29.42 6.49
N SER G 90 28.18 -29.54 7.55
CA SER G 90 28.66 -29.22 8.90
C SER G 90 27.85 -30.00 9.92
N ARG H 6 6.38 -17.92 -0.83
CA ARG H 6 5.10 -18.59 -0.58
C ARG H 6 5.26 -20.12 -0.57
N PHE H 7 4.84 -20.74 0.54
CA PHE H 7 5.01 -22.18 0.78
C PHE H 7 3.69 -22.92 0.64
N LYS H 8 3.51 -23.60 -0.49
CA LYS H 8 2.34 -24.45 -0.72
C LYS H 8 2.72 -25.93 -0.63
N PRO H 9 2.42 -26.61 0.47
CA PRO H 9 2.86 -28.01 0.61
C PRO H 9 2.30 -28.92 -0.47
N GLY H 10 3.20 -29.63 -1.14
CA GLY H 10 2.88 -30.58 -2.18
C GLY H 10 2.41 -30.00 -3.50
N VAL H 11 2.38 -28.69 -3.64
CA VAL H 11 2.08 -28.04 -4.92
C VAL H 11 3.40 -27.74 -5.62
N ILE H 12 3.59 -28.33 -6.80
CA ILE H 12 4.82 -28.15 -7.57
C ILE H 12 4.48 -27.87 -9.04
N SER H 13 5.45 -27.28 -9.74
CA SER H 13 5.27 -26.90 -11.13
C SER H 13 5.26 -28.13 -12.03
N GLU H 14 4.89 -27.91 -13.29
CA GLU H 14 4.89 -28.99 -14.27
C GLU H 14 6.31 -29.44 -14.62
N GLU H 15 7.28 -28.50 -14.64
CA GLU H 15 8.64 -28.89 -14.94
C GLU H 15 9.20 -29.82 -13.86
N LEU H 16 8.97 -29.49 -12.59
CA LEU H 16 9.40 -30.37 -11.51
C LEU H 16 8.55 -31.63 -11.49
N GLN H 17 7.25 -31.49 -11.78
CA GLN H 17 6.38 -32.66 -11.90
C GLN H 17 6.91 -33.61 -12.95
N ASP H 18 7.25 -33.07 -14.13
CA ASP H 18 7.76 -33.91 -15.22
C ASP H 18 9.11 -34.51 -14.83
N ALA H 19 9.91 -33.74 -14.08
CA ALA H 19 11.22 -34.23 -13.63
C ALA H 19 11.05 -35.43 -12.69
N LEU H 20 10.05 -35.39 -11.83
CA LEU H 20 9.83 -36.48 -10.88
C LEU H 20 9.19 -37.70 -11.51
N GLY H 21 8.59 -37.57 -12.70
CA GLY H 21 7.96 -38.73 -13.29
C GLY H 21 6.60 -39.06 -12.72
N VAL H 22 5.84 -38.06 -12.29
CA VAL H 22 4.58 -38.34 -11.63
C VAL H 22 3.56 -38.80 -12.67
N THR H 23 2.92 -39.93 -12.39
CA THR H 23 1.94 -40.49 -13.32
C THR H 23 0.59 -39.79 -13.23
N ASP H 24 0.23 -39.30 -12.05
CA ASP H 24 -1.09 -38.71 -11.82
C ASP H 24 -0.90 -37.32 -11.24
N LYS H 25 -1.44 -36.31 -11.93
CA LYS H 25 -1.30 -34.94 -11.45
C LYS H 25 -2.05 -34.71 -10.15
N SER H 26 -3.14 -35.44 -9.93
CA SER H 26 -3.98 -35.21 -8.76
C SER H 26 -3.41 -35.79 -7.47
N LEU H 27 -2.31 -36.55 -7.54
CA LEU H 27 -1.69 -37.10 -6.35
C LEU H 27 -0.68 -36.11 -5.79
N PRO H 28 -0.92 -35.51 -4.63
CA PRO H 28 0.02 -34.52 -4.10
C PRO H 28 1.31 -35.20 -3.65
N PRO H 29 2.46 -34.75 -4.16
CA PRO H 29 3.72 -35.36 -3.73
C PRO H 29 4.28 -34.74 -2.46
N PHE H 30 5.09 -35.53 -1.76
CA PHE H 30 5.83 -35.13 -0.56
C PHE H 30 4.91 -35.00 0.64
N ILE H 31 3.60 -34.98 0.43
CA ILE H 31 2.70 -34.75 1.56
C ILE H 31 2.65 -35.95 2.49
N TYR H 32 2.80 -37.17 1.97
CA TYR H 32 2.77 -38.31 2.87
C TYR H 32 3.99 -38.35 3.77
N ARG H 33 5.17 -38.05 3.21
CA ARG H 33 6.38 -37.97 4.03
C ARG H 33 6.32 -36.79 4.98
N MET H 34 5.85 -35.63 4.49
CA MET H 34 5.79 -34.43 5.33
C MET H 34 4.82 -34.63 6.49
N ARG H 35 3.72 -35.34 6.25
CA ARG H 35 2.73 -35.56 7.30
C ARG H 35 3.29 -36.41 8.43
N GLN H 36 4.28 -37.26 8.15
CA GLN H 36 4.89 -38.06 9.21
C GLN H 36 5.93 -37.25 9.97
N LEU H 37 6.73 -36.45 9.25
CA LEU H 37 7.80 -35.68 9.84
C LEU H 37 7.30 -34.46 10.61
N GLY H 38 6.11 -33.96 10.31
CA GLY H 38 5.62 -32.73 10.91
C GLY H 38 5.82 -31.55 9.99
N TYR H 39 5.29 -30.40 10.41
CA TYR H 39 5.36 -29.22 9.56
C TYR H 39 6.81 -28.79 9.47
N PRO H 40 7.31 -28.49 8.28
CA PRO H 40 8.70 -28.09 8.12
C PRO H 40 9.06 -26.94 9.03
N PRO H 41 10.07 -27.12 9.90
CA PRO H 41 10.40 -26.08 10.87
C PRO H 41 10.87 -24.81 10.23
N GLY H 42 11.52 -24.90 9.07
CA GLY H 42 12.01 -23.69 8.45
C GLY H 42 10.92 -22.79 7.88
N TRP H 43 9.67 -23.26 7.77
CA TRP H 43 8.60 -22.38 7.32
C TRP H 43 7.92 -21.71 8.50
N LEU H 44 7.60 -22.46 9.54
CA LEU H 44 7.16 -21.83 10.78
C LEU H 44 8.31 -20.96 11.25
N LYS H 45 7.98 -19.74 11.68
CA LYS H 45 8.99 -18.73 11.97
C LYS H 45 9.70 -18.28 10.69
N GLU I 11 -36.38 6.01 14.54
CA GLU I 11 -35.00 5.68 14.90
C GLU I 11 -34.57 4.36 14.26
N ALA I 12 -35.36 3.31 14.50
CA ALA I 12 -35.01 2.00 13.97
C ALA I 12 -35.02 1.98 12.45
N ASP I 13 -35.88 2.79 11.83
CA ASP I 13 -35.88 2.92 10.38
C ASP I 13 -34.76 3.81 9.87
N ARG I 14 -34.13 4.59 10.75
CA ARG I 14 -32.97 5.40 10.40
C ARG I 14 -31.69 4.85 11.03
N THR I 15 -31.66 3.55 11.32
CA THR I 15 -30.53 2.92 11.98
C THR I 15 -30.31 1.50 11.48
N PHE I 17 -27.10 -1.04 12.63
CA PHE I 17 -26.66 -2.15 13.46
C PHE I 17 -25.33 -2.69 12.94
N VAL I 18 -24.35 -2.82 13.83
CA VAL I 18 -23.03 -3.34 13.48
C VAL I 18 -22.68 -4.46 14.46
N GLY I 19 -22.30 -5.63 13.93
CA GLY I 19 -21.95 -6.77 14.74
C GLY I 19 -20.55 -7.27 14.45
N ASN I 20 -20.21 -8.37 15.13
CA ASN I 20 -18.91 -9.03 14.97
C ASN I 20 -17.76 -8.11 15.36
N LEU I 21 -18.00 -7.18 16.28
CA LEU I 21 -16.96 -6.24 16.67
C LEU I 21 -15.88 -6.94 17.48
N GLU I 22 -14.62 -6.67 17.17
CA GLU I 22 -13.53 -7.19 17.96
C GLU I 22 -13.45 -6.42 19.28
N THR I 23 -12.84 -7.03 20.29
CA THR I 23 -12.87 -6.47 21.64
C THR I 23 -12.29 -5.05 21.72
N LYS I 24 -11.30 -4.72 20.88
CA LYS I 24 -10.69 -3.39 20.94
C LYS I 24 -11.55 -2.28 20.35
N VAL I 25 -12.54 -2.62 19.52
CA VAL I 25 -13.39 -1.62 18.89
C VAL I 25 -14.10 -0.78 19.95
N THR I 26 -14.13 0.53 19.75
CA THR I 26 -14.80 1.44 20.68
C THR I 26 -15.93 2.17 19.97
N GLU I 27 -16.83 2.75 20.77
CA GLU I 27 -17.96 3.50 20.23
C GLU I 27 -17.49 4.75 19.49
N GLU I 28 -16.48 5.44 20.04
CA GLU I 28 -15.94 6.61 19.36
C GLU I 28 -15.31 6.24 18.03
N LEU I 29 -14.74 5.03 17.92
CA LEU I 29 -14.14 4.59 16.67
C LEU I 29 -15.19 4.39 15.58
N LEU I 30 -16.33 3.77 15.93
CA LEU I 30 -17.37 3.54 14.93
C LEU I 30 -18.01 4.85 14.49
N PHE I 31 -18.17 5.80 15.41
CA PHE I 31 -18.68 7.12 15.04
C PHE I 31 -17.86 7.73 13.90
N GLU I 32 -16.54 7.83 14.08
CA GLU I 32 -15.68 8.37 13.04
C GLU I 32 -15.79 7.56 11.76
N LEU I 33 -15.87 6.23 11.88
CA LEU I 33 -15.91 5.38 10.70
C LEU I 33 -17.19 5.59 9.91
N PHE I 34 -18.35 5.51 10.58
CA PHE I 34 -19.62 5.67 9.85
C PHE I 34 -19.92 7.12 9.49
N HIS I 35 -19.26 8.08 10.12
CA HIS I 35 -19.37 9.46 9.66
C HIS I 35 -18.94 9.61 8.22
N GLN I 36 -18.16 8.66 7.70
CA GLN I 36 -17.78 8.69 6.29
C GLN I 36 -18.99 8.53 5.38
N ALA I 37 -19.97 7.73 5.79
CA ALA I 37 -21.17 7.51 5.00
C ALA I 37 -22.23 8.57 5.22
N GLY I 38 -22.22 9.25 6.36
CA GLY I 38 -23.17 10.30 6.63
C GLY I 38 -23.13 10.74 8.08
N PRO I 39 -23.70 11.91 8.36
CA PRO I 39 -23.71 12.42 9.73
C PRO I 39 -24.29 11.43 10.71
N VAL I 40 -23.53 11.14 11.76
CA VAL I 40 -23.94 10.20 12.80
C VAL I 40 -24.35 10.98 14.04
N ILE I 41 -25.44 10.55 14.67
CA ILE I 41 -25.90 11.16 15.92
C ILE I 41 -25.26 10.49 17.13
N LYS I 42 -25.36 9.17 17.19
CA LYS I 42 -24.81 8.43 18.32
C LYS I 42 -24.53 6.99 17.89
N VAL I 43 -23.62 6.36 18.61
CA VAL I 43 -23.35 4.92 18.48
C VAL I 43 -23.38 4.31 19.88
N LYS I 44 -24.14 3.23 20.03
CA LYS I 44 -24.31 2.57 21.32
C LYS I 44 -23.87 1.11 21.21
N ILE I 45 -23.06 0.67 22.16
CA ILE I 45 -22.67 -0.73 22.32
C ILE I 45 -23.32 -1.24 23.60
N PRO I 46 -24.29 -2.16 23.52
CA PRO I 46 -25.00 -2.59 24.71
C PRO I 46 -24.11 -3.39 25.64
N LYS I 47 -24.66 -3.71 26.82
CA LYS I 47 -23.93 -4.43 27.86
C LYS I 47 -24.74 -5.65 28.29
N ASP I 48 -24.06 -6.79 28.41
CA ASP I 48 -24.72 -8.04 28.76
C ASP I 48 -25.02 -8.06 30.27
N LYS I 49 -25.42 -9.23 30.78
CA LYS I 49 -25.82 -9.35 32.17
C LYS I 49 -24.67 -9.16 33.15
N ASP I 50 -23.43 -9.17 32.68
CA ASP I 50 -22.28 -9.00 33.55
C ASP I 50 -21.74 -7.58 33.56
N GLY I 51 -22.08 -6.76 32.57
CA GLY I 51 -21.55 -5.42 32.44
C GLY I 51 -20.47 -5.27 31.39
N LYS I 52 -20.02 -6.37 30.80
CA LYS I 52 -19.00 -6.29 29.75
C LYS I 52 -19.61 -5.74 28.47
N PRO I 53 -18.91 -4.87 27.75
CA PRO I 53 -19.42 -4.38 26.48
C PRO I 53 -19.64 -5.53 25.51
N LYS I 54 -20.78 -5.52 24.83
CA LYS I 54 -21.12 -6.56 23.90
C LYS I 54 -20.34 -6.42 22.59
N GLN I 55 -20.47 -7.44 21.74
CA GLN I 55 -19.72 -7.52 20.49
C GLN I 55 -20.46 -6.86 19.33
N PHE I 56 -21.51 -6.09 19.60
CA PHE I 56 -22.26 -5.41 18.56
C PHE I 56 -22.52 -3.97 18.98
N ALA I 57 -22.93 -3.16 18.00
CA ALA I 57 -23.21 -1.75 18.24
C ALA I 57 -24.32 -1.29 17.32
N PHE I 58 -25.02 -0.23 17.74
CA PHE I 58 -26.04 0.43 16.95
C PHE I 58 -25.52 1.81 16.52
N VAL I 59 -25.54 2.07 15.22
CA VAL I 59 -25.13 3.36 14.66
C VAL I 59 -26.39 4.09 14.20
N ASN I 60 -26.61 5.29 14.73
CA ASN I 60 -27.79 6.08 14.44
C ASN I 60 -27.41 7.24 13.51
N PHE I 61 -28.01 7.27 12.32
CA PHE I 61 -27.70 8.26 11.30
C PHE I 61 -28.62 9.47 11.40
N LYS I 62 -28.16 10.58 10.84
CA LYS I 62 -28.95 11.81 10.82
C LYS I 62 -30.15 11.69 9.89
N HIS I 63 -29.99 11.02 8.76
CA HIS I 63 -31.05 10.89 7.76
C HIS I 63 -31.21 9.43 7.37
N GLU I 64 -32.46 9.00 7.17
CA GLU I 64 -32.72 7.63 6.76
C GLU I 64 -31.97 7.26 5.50
N VAL I 65 -31.76 8.22 4.60
CA VAL I 65 -31.07 7.96 3.34
C VAL I 65 -29.63 7.51 3.58
N SER I 66 -29.04 7.91 4.71
CA SER I 66 -27.67 7.50 5.02
C SER I 66 -27.54 6.01 5.33
N VAL I 67 -28.63 5.35 5.73
CA VAL I 67 -28.57 3.98 6.22
C VAL I 67 -28.16 3.01 5.12
N PRO I 68 -28.82 2.99 3.95
CA PRO I 68 -28.37 2.07 2.89
C PRO I 68 -26.97 2.37 2.39
N TYR I 69 -26.54 3.64 2.41
CA TYR I 69 -25.21 3.98 1.91
C TYR I 69 -24.12 3.33 2.76
N ALA I 70 -24.24 3.43 4.09
CA ALA I 70 -23.23 2.84 4.96
C ALA I 70 -23.12 1.34 4.75
N MET I 71 -24.24 0.68 4.50
CA MET I 71 -24.23 -0.76 4.26
C MET I 71 -23.37 -1.10 3.04
N ASN I 72 -23.54 -0.35 1.94
CA ASN I 72 -22.79 -0.64 0.73
C ASN I 72 -21.31 -0.27 0.89
N LEU I 73 -21.03 0.87 1.53
CA LEU I 73 -19.66 1.34 1.66
C LEU I 73 -18.87 0.55 2.70
N LEU I 74 -19.49 0.20 3.82
CA LEU I 74 -18.74 -0.22 4.99
C LEU I 74 -18.94 -1.66 5.43
N ASN I 75 -19.92 -2.39 4.88
CA ASN I 75 -20.11 -3.77 5.30
C ASN I 75 -18.88 -4.60 4.97
N GLY I 76 -18.43 -5.40 5.94
CA GLY I 76 -17.32 -6.29 5.72
C GLY I 76 -15.95 -5.68 5.92
N ILE I 77 -15.87 -4.36 6.15
CA ILE I 77 -14.58 -3.73 6.40
C ILE I 77 -13.95 -4.35 7.64
N LYS I 78 -12.67 -4.69 7.54
CA LYS I 78 -11.99 -5.33 8.66
C LYS I 78 -11.54 -4.27 9.66
N LEU I 79 -11.88 -4.48 10.93
CA LEU I 79 -11.39 -3.66 12.04
C LEU I 79 -10.56 -4.55 12.96
N TYR I 80 -9.26 -4.24 13.06
CA TYR I 80 -8.33 -5.04 13.86
C TYR I 80 -8.33 -6.50 13.40
N GLY I 81 -8.46 -6.71 12.09
CA GLY I 81 -8.43 -8.03 11.51
C GLY I 81 -9.76 -8.75 11.50
N ARG I 82 -10.81 -8.17 12.06
CA ARG I 82 -12.12 -8.81 12.16
C ARG I 82 -13.13 -8.08 11.29
N PRO I 83 -13.73 -8.74 10.31
CA PRO I 83 -14.71 -8.07 9.44
C PRO I 83 -16.01 -7.76 10.17
N ILE I 84 -16.41 -6.49 10.14
CA ILE I 84 -17.68 -6.08 10.74
C ILE I 84 -18.85 -6.59 9.89
N LYS I 85 -19.98 -6.86 10.56
CA LYS I 85 -21.18 -7.40 9.91
C LYS I 85 -22.36 -6.46 10.17
N ILE I 86 -22.80 -5.76 9.12
CA ILE I 86 -23.84 -4.73 9.20
C ILE I 86 -25.19 -5.32 8.79
N GLN I 87 -26.15 -5.34 9.72
CA GLN I 87 -27.53 -5.67 9.40
C GLN I 87 -28.47 -4.46 9.55
N PHE I 88 -29.50 -4.41 8.71
CA PHE I 88 -30.56 -3.42 8.87
C PHE I 88 -31.40 -3.74 10.11
N ARG I 89 -31.91 -2.69 10.74
CA ARG I 89 -32.85 -2.89 11.84
C ARG I 89 -34.29 -3.01 11.35
N SER I 90 -34.63 -2.34 10.26
CA SER I 90 -35.97 -2.40 9.68
C SER I 90 -36.02 -3.36 8.49
N PHE J 7 -16.63 17.52 3.42
CA PHE J 7 -16.87 16.76 4.63
C PHE J 7 -15.72 15.79 4.90
N LYS J 8 -14.53 16.18 4.46
CA LYS J 8 -13.30 15.42 4.67
C LYS J 8 -13.49 13.94 4.33
N PRO J 9 -13.71 13.59 3.06
CA PRO J 9 -13.99 12.17 2.73
C PRO J 9 -12.87 11.21 3.08
N GLY J 10 -11.62 11.50 2.70
CA GLY J 10 -10.53 10.60 2.97
C GLY J 10 -9.65 10.89 4.18
N VAL J 11 -9.98 11.90 4.98
CA VAL J 11 -9.27 12.16 6.23
C VAL J 11 -9.85 11.32 7.37
N ILE J 12 -9.01 10.48 7.96
CA ILE J 12 -9.36 9.63 9.09
C ILE J 12 -8.32 9.83 10.18
N SER J 13 -8.69 9.42 11.39
CA SER J 13 -7.81 9.60 12.53
C SER J 13 -6.66 8.59 12.50
N GLU J 14 -5.66 8.82 13.36
CA GLU J 14 -4.54 7.88 13.47
C GLU J 14 -4.99 6.59 14.13
N GLU J 15 -5.88 6.67 15.12
CA GLU J 15 -6.38 5.47 15.78
C GLU J 15 -7.17 4.60 14.81
N LEU J 16 -8.01 5.23 13.98
CA LEU J 16 -8.78 4.48 13.00
C LEU J 16 -7.88 3.87 11.93
N GLN J 17 -6.82 4.59 11.56
CA GLN J 17 -5.85 4.04 10.62
C GLN J 17 -5.25 2.75 11.15
N ASP J 18 -4.86 2.73 12.43
CA ASP J 18 -4.34 1.51 13.03
C ASP J 18 -5.42 0.42 13.07
N ALA J 19 -6.67 0.81 13.32
CA ALA J 19 -7.77 -0.16 13.36
C ALA J 19 -8.03 -0.77 11.98
N LEU J 20 -7.92 0.04 10.92
CA LEU J 20 -8.20 -0.44 9.58
C LEU J 20 -7.06 -1.26 8.97
N GLY J 21 -5.86 -1.20 9.55
CA GLY J 21 -4.72 -1.91 8.98
C GLY J 21 -4.08 -1.19 7.82
N VAL J 22 -4.19 0.13 7.77
CA VAL J 22 -3.70 0.95 6.65
C VAL J 22 -2.23 1.27 6.84
N THR J 23 -1.47 1.22 5.75
CA THR J 23 -0.10 1.70 5.77
C THR J 23 -0.14 3.23 5.72
N ASP J 24 0.44 3.88 6.71
CA ASP J 24 0.40 5.35 6.80
C ASP J 24 1.07 5.98 5.59
N LYS J 25 0.45 5.82 4.42
CA LYS J 25 1.07 6.20 3.16
C LYS J 25 0.32 7.32 2.44
N SER J 26 -0.66 7.95 3.10
CA SER J 26 -1.48 9.02 2.55
C SER J 26 -2.45 8.54 1.49
N LEU J 27 -2.48 7.25 1.18
CA LEU J 27 -3.41 6.72 0.20
C LEU J 27 -4.80 6.82 0.81
N PRO J 28 -5.66 7.69 0.32
CA PRO J 28 -6.93 7.92 0.99
C PRO J 28 -7.82 6.69 0.92
N PRO J 29 -8.25 6.17 2.05
CA PRO J 29 -9.11 4.99 2.05
C PRO J 29 -10.55 5.40 1.83
N PHE J 30 -11.32 4.48 1.26
CA PHE J 30 -12.74 4.60 0.96
C PHE J 30 -12.95 5.50 -0.24
N ILE J 31 -11.92 6.15 -0.76
CA ILE J 31 -12.12 7.04 -1.89
C ILE J 31 -12.57 6.26 -3.12
N TYR J 32 -11.95 5.10 -3.37
CA TYR J 32 -12.25 4.37 -4.60
C TYR J 32 -13.72 3.97 -4.63
N ARG J 33 -14.26 3.50 -3.50
CA ARG J 33 -15.65 3.08 -3.44
C ARG J 33 -16.59 4.28 -3.53
N MET J 34 -16.34 5.32 -2.74
CA MET J 34 -17.17 6.51 -2.77
C MET J 34 -17.25 7.10 -4.17
N ARG J 35 -16.14 7.03 -4.91
CA ARG J 35 -16.14 7.55 -6.28
C ARG J 35 -17.11 6.78 -7.17
N GLN J 36 -17.37 5.52 -6.85
CA GLN J 36 -18.34 4.76 -7.64
C GLN J 36 -19.75 4.92 -7.09
N LEU J 37 -19.89 4.84 -5.77
CA LEU J 37 -21.21 4.91 -5.15
C LEU J 37 -21.81 6.31 -5.27
N GLY J 38 -20.98 7.34 -5.37
CA GLY J 38 -21.44 8.70 -5.35
C GLY J 38 -21.30 9.33 -3.97
N TYR J 39 -21.57 10.63 -3.91
CA TYR J 39 -21.39 11.36 -2.66
C TYR J 39 -22.43 10.89 -1.64
N PRO J 40 -22.02 10.63 -0.40
CA PRO J 40 -22.96 10.17 0.62
C PRO J 40 -24.16 11.08 0.73
N PRO J 41 -25.37 10.53 0.54
CA PRO J 41 -26.57 11.39 0.49
C PRO J 41 -26.82 12.15 1.78
N GLY J 42 -26.47 11.58 2.93
CA GLY J 42 -26.72 12.30 4.18
C GLY J 42 -25.83 13.50 4.40
N TRP J 43 -24.76 13.66 3.61
CA TRP J 43 -23.90 14.83 3.68
C TRP J 43 -24.35 15.95 2.74
N LEU J 44 -25.12 15.64 1.70
CA LEU J 44 -25.66 16.64 0.80
C LEU J 44 -26.52 17.67 1.54
N ASP K 13 12.28 -17.65 38.12
CA ASP K 13 12.97 -18.67 37.36
C ASP K 13 12.00 -19.48 36.50
N ARG K 14 10.72 -19.43 36.87
CA ARG K 14 9.68 -20.14 36.12
C ARG K 14 8.97 -19.25 35.11
N THR K 15 9.37 -17.98 34.99
CA THR K 15 8.73 -17.03 34.10
C THR K 15 9.67 -16.67 32.95
N LEU K 16 9.09 -16.57 31.75
CA LEU K 16 9.84 -16.21 30.55
C LEU K 16 9.22 -14.98 29.91
N PHE K 17 10.04 -14.23 29.18
CA PHE K 17 9.64 -13.01 28.51
C PHE K 17 9.50 -13.25 27.02
N VAL K 18 8.43 -12.72 26.42
CA VAL K 18 8.18 -12.81 24.99
C VAL K 18 7.75 -11.44 24.50
N GLY K 19 8.36 -10.98 23.41
CA GLY K 19 8.09 -9.67 22.88
C GLY K 19 8.06 -9.68 21.36
N ASN K 20 7.87 -8.49 20.79
CA ASN K 20 7.71 -8.26 19.35
C ASN K 20 6.42 -8.86 18.82
N LEU K 21 5.49 -9.25 19.71
CA LEU K 21 4.21 -9.78 19.27
C LEU K 21 3.45 -8.74 18.48
N GLU K 22 2.78 -9.19 17.42
CA GLU K 22 1.98 -8.28 16.61
C GLU K 22 0.82 -7.74 17.42
N THR K 23 0.21 -6.67 16.89
CA THR K 23 -0.90 -6.04 17.59
C THR K 23 -2.09 -6.99 17.73
N LYS K 24 -2.25 -7.93 16.79
CA LYS K 24 -3.36 -8.87 16.85
C LYS K 24 -3.15 -9.97 17.88
N VAL K 25 -1.90 -10.26 18.25
CA VAL K 25 -1.65 -11.33 19.21
C VAL K 25 -2.28 -11.01 20.55
N THR K 26 -2.79 -12.03 21.22
CA THR K 26 -3.51 -11.88 22.48
C THR K 26 -2.89 -12.77 23.54
N GLU K 27 -3.19 -12.45 24.80
CA GLU K 27 -2.70 -13.26 25.92
C GLU K 27 -3.27 -14.67 25.89
N GLU K 28 -4.50 -14.83 25.39
CA GLU K 28 -5.08 -16.16 25.29
C GLU K 28 -4.37 -17.00 24.23
N LEU K 29 -3.80 -16.35 23.21
CA LEU K 29 -3.06 -17.08 22.20
C LEU K 29 -1.67 -17.47 22.68
N LEU K 30 -1.03 -16.59 23.46
CA LEU K 30 0.30 -16.92 23.99
C LEU K 30 0.25 -18.13 24.91
N PHE K 31 -0.87 -18.32 25.63
CA PHE K 31 -1.01 -19.47 26.51
C PHE K 31 -0.99 -20.77 25.72
N GLU K 32 -1.87 -20.87 24.72
CA GLU K 32 -2.00 -22.11 23.95
C GLU K 32 -0.68 -22.47 23.28
N LEU K 33 0.08 -21.46 22.83
CA LEU K 33 1.35 -21.74 22.16
C LEU K 33 2.37 -22.31 23.14
N PHE K 34 2.68 -21.57 24.20
CA PHE K 34 3.67 -22.03 25.16
C PHE K 34 3.20 -23.24 25.94
N HIS K 35 1.89 -23.49 26.00
CA HIS K 35 1.40 -24.69 26.65
C HIS K 35 1.95 -25.95 26.01
N GLN K 36 2.43 -25.87 24.76
CA GLN K 36 3.06 -27.03 24.14
C GLN K 36 4.38 -27.37 24.81
N ALA K 37 5.20 -26.36 25.11
CA ALA K 37 6.50 -26.62 25.71
C ALA K 37 6.39 -27.14 27.14
N GLY K 38 5.38 -26.69 27.88
CA GLY K 38 5.18 -27.13 29.24
C GLY K 38 3.93 -26.55 29.86
N PRO K 39 3.55 -27.05 31.04
CA PRO K 39 2.39 -26.49 31.75
C PRO K 39 2.63 -25.04 32.10
N VAL K 40 1.70 -24.19 31.69
CA VAL K 40 1.82 -22.74 31.86
C VAL K 40 0.93 -22.29 33.00
N ILE K 41 1.47 -21.44 33.86
CA ILE K 41 0.67 -20.86 34.94
C ILE K 41 -0.25 -19.78 34.40
N LYS K 42 0.32 -18.70 33.88
CA LYS K 42 -0.46 -17.60 33.35
C LYS K 42 0.32 -16.89 32.27
N VAL K 43 -0.38 -16.05 31.50
CA VAL K 43 0.23 -15.22 30.46
C VAL K 43 -0.49 -13.89 30.43
N LYS K 44 0.28 -12.80 30.53
CA LYS K 44 -0.30 -11.46 30.56
C LYS K 44 0.15 -10.62 29.38
N LYS K 52 -4.16 0.67 26.18
CA LYS K 52 -3.70 -0.07 25.02
C LYS K 52 -2.58 -1.04 25.39
N PRO K 53 -2.64 -2.26 24.87
CA PRO K 53 -1.60 -3.25 25.18
C PRO K 53 -0.25 -2.81 24.65
N LYS K 54 0.80 -3.27 25.31
CA LYS K 54 2.17 -3.03 24.86
C LYS K 54 2.53 -4.07 23.81
N GLN K 55 3.80 -4.07 23.39
CA GLN K 55 4.28 -5.01 22.38
C GLN K 55 5.02 -6.21 22.99
N PHE K 56 4.81 -6.48 24.27
CA PHE K 56 5.50 -7.57 24.94
C PHE K 56 4.62 -8.12 26.07
N ALA K 57 4.94 -9.34 26.50
CA ALA K 57 4.21 -9.99 27.58
C ALA K 57 5.12 -11.00 28.26
N PHE K 58 4.65 -11.52 29.40
CA PHE K 58 5.41 -12.46 30.22
C PHE K 58 4.62 -13.73 30.44
N VAL K 59 5.27 -14.87 30.27
CA VAL K 59 4.64 -16.18 30.41
C VAL K 59 5.34 -16.91 31.56
N ASN K 60 4.63 -17.09 32.67
CA ASN K 60 5.14 -17.85 33.80
C ASN K 60 4.76 -19.31 33.65
N PHE K 61 5.74 -20.20 33.83
CA PHE K 61 5.52 -21.63 33.70
C PHE K 61 5.25 -22.25 35.08
N LYS K 62 4.80 -23.51 35.05
CA LYS K 62 4.54 -24.26 36.27
C LYS K 62 5.76 -25.01 36.77
N HIS K 63 6.77 -25.21 35.93
CA HIS K 63 7.99 -25.92 36.32
C HIS K 63 9.19 -25.21 35.70
N GLU K 64 10.30 -25.21 36.46
CA GLU K 64 11.49 -24.49 36.02
C GLU K 64 12.11 -25.10 34.76
N VAL K 65 12.05 -26.42 34.62
CA VAL K 65 12.66 -27.08 33.47
C VAL K 65 12.03 -26.69 32.14
N SER K 66 10.83 -26.10 32.16
CA SER K 66 10.17 -25.72 30.91
C SER K 66 10.87 -24.54 30.22
N VAL K 67 11.54 -23.67 31.00
CA VAL K 67 12.06 -22.42 30.42
C VAL K 67 13.08 -22.67 29.31
N PRO K 68 14.15 -23.45 29.51
CA PRO K 68 15.06 -23.67 28.37
C PRO K 68 14.38 -24.33 27.19
N TYR K 69 13.50 -25.31 27.46
CA TYR K 69 12.83 -26.03 26.39
C TYR K 69 11.94 -25.11 25.57
N ALA K 70 11.19 -24.23 26.24
CA ALA K 70 10.37 -23.25 25.53
C ALA K 70 11.24 -22.40 24.62
N MET K 71 12.38 -21.92 25.13
CA MET K 71 13.28 -21.09 24.32
C MET K 71 13.76 -21.85 23.09
N ASN K 72 14.20 -23.10 23.27
CA ASN K 72 14.62 -23.90 22.12
C ASN K 72 13.49 -24.04 21.11
N LEU K 73 12.27 -24.25 21.60
CA LEU K 73 11.17 -24.61 20.70
C LEU K 73 10.52 -23.39 20.05
N LEU K 74 10.28 -22.33 20.82
CA LEU K 74 9.36 -21.28 20.40
C LEU K 74 10.04 -19.94 20.12
N ASN K 75 11.36 -19.84 20.23
CA ASN K 75 12.03 -18.57 19.98
C ASN K 75 12.27 -18.38 18.49
N GLY K 76 11.82 -17.24 17.97
CA GLY K 76 11.87 -16.97 16.54
C GLY K 76 10.57 -17.21 15.82
N ILE K 77 9.58 -17.81 16.49
CA ILE K 77 8.34 -18.20 15.83
C ILE K 77 7.61 -16.96 15.31
N LYS K 78 7.17 -17.04 14.05
CA LYS K 78 6.50 -15.92 13.40
C LYS K 78 5.00 -16.00 13.67
N LEU K 79 4.48 -14.97 14.33
CA LEU K 79 3.05 -14.86 14.61
C LEU K 79 2.51 -13.64 13.86
N TYR K 80 1.57 -13.88 12.94
CA TYR K 80 0.99 -12.83 12.11
C TYR K 80 2.06 -12.06 11.34
N GLY K 81 3.13 -12.74 10.95
CA GLY K 81 4.18 -12.14 10.14
C GLY K 81 5.34 -11.54 10.90
N ARG K 82 5.31 -11.54 12.23
CA ARG K 82 6.37 -10.95 13.04
C ARG K 82 6.95 -12.00 13.96
N PRO K 83 8.23 -12.34 13.83
CA PRO K 83 8.83 -13.33 14.74
C PRO K 83 8.88 -12.80 16.17
N ILE K 84 8.61 -13.69 17.13
CA ILE K 84 8.56 -13.30 18.53
C ILE K 84 9.95 -13.44 19.13
N LYS K 85 10.30 -12.51 20.01
CA LYS K 85 11.62 -12.47 20.64
C LYS K 85 11.47 -12.90 22.09
N ILE K 86 12.15 -14.00 22.44
CA ILE K 86 12.09 -14.55 23.78
C ILE K 86 13.37 -14.19 24.53
N GLN K 87 13.23 -13.74 25.77
CA GLN K 87 14.35 -13.48 26.65
C GLN K 87 14.10 -14.19 27.98
N PHE K 88 15.18 -14.67 28.58
CA PHE K 88 15.08 -15.29 29.89
C PHE K 88 15.06 -14.23 30.98
N ARG K 89 14.38 -14.55 32.08
CA ARG K 89 14.21 -13.59 33.17
C ARG K 89 15.32 -13.66 34.21
N SER K 90 16.07 -14.76 34.28
CA SER K 90 17.11 -14.91 35.27
C SER K 90 18.43 -15.39 34.65
N PHE L 7 -2.44 -34.23 26.84
CA PHE L 7 -1.57 -33.35 26.07
C PHE L 7 -1.33 -33.90 24.68
N LYS L 8 -1.76 -33.13 23.69
CA LYS L 8 -1.56 -33.42 22.27
C LYS L 8 -0.55 -32.43 21.71
N PRO L 9 0.71 -32.84 21.50
CA PRO L 9 1.72 -31.86 21.05
C PRO L 9 1.38 -31.12 19.76
N GLY L 10 1.07 -31.81 18.67
CA GLY L 10 0.81 -31.08 17.44
C GLY L 10 -0.60 -30.59 17.22
N VAL L 11 -1.52 -30.79 18.18
CA VAL L 11 -2.86 -30.24 18.09
C VAL L 11 -2.94 -28.85 18.71
N ILE L 12 -3.33 -27.87 17.90
CA ILE L 12 -3.49 -26.47 18.30
C ILE L 12 -4.85 -25.98 17.79
N SER L 13 -5.27 -24.82 18.29
CA SER L 13 -6.56 -24.29 17.90
C SER L 13 -6.51 -23.75 16.47
N GLU L 14 -7.70 -23.49 15.91
CA GLU L 14 -7.78 -22.92 14.57
C GLU L 14 -7.26 -21.48 14.55
N GLU L 15 -7.49 -20.74 15.63
CA GLU L 15 -6.99 -19.37 15.71
C GLU L 15 -5.47 -19.34 15.68
N LEU L 16 -4.83 -20.27 16.39
CA LEU L 16 -3.37 -20.33 16.38
C LEU L 16 -2.83 -20.74 15.01
N GLN L 17 -3.53 -21.63 14.31
CA GLN L 17 -3.11 -22.04 12.98
C GLN L 17 -3.03 -20.85 12.03
N ASP L 18 -4.05 -19.99 12.03
CA ASP L 18 -4.01 -18.80 11.18
C ASP L 18 -2.89 -17.86 11.60
N ALA L 19 -2.63 -17.77 12.91
CA ALA L 19 -1.55 -16.93 13.40
C ALA L 19 -0.20 -17.45 12.93
N LEU L 20 -0.02 -18.77 12.91
CA LEU L 20 1.25 -19.36 12.50
C LEU L 20 1.43 -19.38 10.99
N GLY L 21 0.35 -19.18 10.23
CA GLY L 21 0.43 -19.19 8.79
C GLY L 21 0.47 -20.54 8.12
N VAL L 22 -0.07 -21.57 8.76
CA VAL L 22 -0.01 -22.93 8.22
C VAL L 22 -1.17 -23.11 7.25
N THR L 23 -0.89 -23.70 6.09
CA THR L 23 -1.95 -23.92 5.10
C THR L 23 -2.69 -25.23 5.33
N ASP L 24 -1.98 -26.32 5.58
CA ASP L 24 -2.59 -27.62 5.81
C ASP L 24 -2.69 -27.88 7.31
N LYS L 25 -3.86 -28.32 7.76
CA LYS L 25 -4.07 -28.58 9.17
C LYS L 25 -3.49 -29.93 9.59
N SER L 26 -3.52 -30.93 8.70
CA SER L 26 -3.04 -32.25 9.06
C SER L 26 -1.53 -32.33 9.24
N LEU L 27 -0.79 -31.26 8.95
CA LEU L 27 0.65 -31.25 9.13
C LEU L 27 0.97 -30.80 10.55
N PRO L 28 1.50 -31.65 11.42
CA PRO L 28 1.69 -31.28 12.83
C PRO L 28 2.77 -30.22 12.98
N PRO L 29 2.45 -29.09 13.60
CA PRO L 29 3.45 -28.04 13.85
C PRO L 29 4.23 -28.31 15.13
N PHE L 30 5.54 -28.03 15.07
CA PHE L 30 6.48 -28.14 16.18
C PHE L 30 6.85 -29.59 16.47
N ILE L 31 6.19 -30.53 15.80
CA ILE L 31 6.47 -31.95 16.08
C ILE L 31 7.90 -32.30 15.67
N TYR L 32 8.35 -31.84 14.50
CA TYR L 32 9.65 -32.25 13.98
C TYR L 32 10.78 -31.80 14.89
N ARG L 33 10.73 -30.56 15.39
CA ARG L 33 11.76 -30.10 16.30
C ARG L 33 11.56 -30.67 17.70
N MET L 34 10.30 -30.84 18.10
CA MET L 34 10.01 -31.48 19.38
C MET L 34 10.43 -32.93 19.39
N ARG L 35 10.31 -33.61 18.24
CA ARG L 35 10.75 -35.00 18.17
C ARG L 35 12.26 -35.12 18.33
N GLN L 36 13.02 -34.09 17.96
CA GLN L 36 14.46 -34.16 18.10
C GLN L 36 14.97 -33.50 19.37
N LEU L 37 14.29 -32.49 19.89
CA LEU L 37 14.61 -32.00 21.23
C LEU L 37 14.30 -33.04 22.31
N GLY L 38 13.36 -33.94 22.05
CA GLY L 38 12.92 -34.87 23.07
C GLY L 38 11.62 -34.42 23.72
N TYR L 39 11.10 -35.30 24.56
CA TYR L 39 9.82 -35.06 25.22
C TYR L 39 9.92 -33.92 26.21
N PRO L 40 8.97 -32.99 26.22
CA PRO L 40 9.02 -31.87 27.16
C PRO L 40 9.03 -32.39 28.59
N PRO L 41 10.07 -32.07 29.36
CA PRO L 41 10.18 -32.66 30.70
C PRO L 41 9.07 -32.25 31.64
N GLY L 42 8.52 -31.05 31.46
CA GLY L 42 7.46 -30.58 32.34
C GLY L 42 6.09 -31.23 32.14
N TRP L 43 5.90 -31.99 31.04
CA TRP L 43 4.65 -32.72 30.82
C TRP L 43 4.66 -34.16 31.34
N LEU L 44 5.83 -34.74 31.59
CA LEU L 44 5.87 -36.10 32.14
C LEU L 44 5.09 -36.22 33.45
N GLU M 11 -52.75 22.14 -15.26
CA GLU M 11 -51.43 22.70 -15.03
C GLU M 11 -51.04 22.61 -13.56
N ALA M 12 -52.05 22.49 -12.70
CA ALA M 12 -51.80 22.46 -11.26
C ALA M 12 -51.11 21.16 -10.84
N ASP M 13 -51.26 20.10 -11.62
CA ASP M 13 -50.66 18.83 -11.25
C ASP M 13 -49.15 18.83 -11.51
N ARG M 14 -48.69 19.53 -12.53
CA ARG M 14 -47.28 19.50 -12.92
C ARG M 14 -46.57 20.77 -12.44
N THR M 15 -46.43 20.87 -11.12
CA THR M 15 -45.78 22.01 -10.51
C THR M 15 -45.37 21.65 -9.08
N LEU M 16 -44.39 22.39 -8.58
CA LEU M 16 -43.86 22.18 -7.23
C LEU M 16 -43.49 23.51 -6.59
N PHE M 17 -43.46 23.52 -5.27
CA PHE M 17 -43.11 24.71 -4.50
C PHE M 17 -41.80 24.46 -3.73
N VAL M 18 -40.96 25.48 -3.66
CA VAL M 18 -39.65 25.39 -3.02
C VAL M 18 -39.49 26.56 -2.05
N GLY M 19 -39.01 26.26 -0.84
CA GLY M 19 -38.87 27.28 0.19
C GLY M 19 -37.55 27.16 0.92
N ASN M 20 -37.32 28.15 1.80
CA ASN M 20 -36.08 28.26 2.58
C ASN M 20 -34.87 28.43 1.67
N LEU M 21 -34.96 29.41 0.76
CA LEU M 21 -33.90 29.69 -0.19
C LEU M 21 -32.86 30.64 0.41
N THR M 23 -31.07 33.36 -0.25
CA THR M 23 -30.90 34.57 -1.04
C THR M 23 -30.08 34.31 -2.31
N LYS M 24 -29.05 33.48 -2.16
CA LYS M 24 -28.17 33.16 -3.28
C LYS M 24 -28.77 32.12 -4.22
N VAL M 25 -29.99 31.67 -3.98
CA VAL M 25 -30.65 30.73 -4.89
C VAL M 25 -31.32 31.51 -6.01
N THR M 26 -31.07 31.09 -7.25
CA THR M 26 -31.56 31.77 -8.44
C THR M 26 -32.39 30.82 -9.30
N GLU M 27 -33.27 31.41 -10.09
CA GLU M 27 -34.14 30.65 -11.00
C GLU M 27 -33.35 30.01 -12.13
N LEU M 29 -30.28 28.54 -11.83
CA LEU M 29 -29.64 27.46 -11.11
C LEU M 29 -30.66 26.38 -10.75
N LEU M 30 -31.78 26.80 -10.17
CA LEU M 30 -32.82 25.85 -9.78
C LEU M 30 -33.34 25.06 -10.97
N PHE M 31 -33.40 25.68 -12.15
CA PHE M 31 -33.88 24.99 -13.33
C PHE M 31 -32.97 23.82 -13.69
N GLU M 32 -31.66 24.01 -13.61
CA GLU M 32 -30.73 22.91 -13.87
C GLU M 32 -30.90 21.80 -12.87
N LEU M 33 -31.09 22.15 -11.59
CA LEU M 33 -31.24 21.13 -10.56
C LEU M 33 -32.47 20.27 -10.80
N PHE M 34 -33.60 20.91 -11.10
CA PHE M 34 -34.84 20.15 -11.29
C PHE M 34 -34.94 19.53 -12.67
N HIS M 35 -34.20 20.04 -13.66
CA HIS M 35 -34.12 19.35 -14.93
C HIS M 35 -33.58 17.94 -14.76
N GLN M 36 -32.78 17.71 -13.72
CA GLN M 36 -32.19 16.39 -13.52
C GLN M 36 -33.21 15.40 -12.99
N ALA M 37 -34.12 15.85 -12.12
CA ALA M 37 -35.14 14.96 -11.60
C ALA M 37 -36.24 14.70 -12.63
N GLY M 38 -36.30 15.49 -13.68
CA GLY M 38 -37.31 15.34 -14.71
C GLY M 38 -37.38 16.56 -15.60
N PRO M 39 -37.94 16.40 -16.80
CA PRO M 39 -38.06 17.55 -17.72
C PRO M 39 -38.94 18.64 -17.12
N VAL M 40 -38.43 19.88 -17.17
CA VAL M 40 -39.07 21.03 -16.55
C VAL M 40 -39.41 22.03 -17.65
N ILE M 41 -40.63 22.57 -17.60
CA ILE M 41 -41.08 23.51 -18.62
C ILE M 41 -40.58 24.92 -18.34
N LYS M 42 -40.72 25.37 -17.10
CA LYS M 42 -40.26 26.69 -16.71
C LYS M 42 -40.01 26.70 -15.21
N VAL M 43 -39.26 27.69 -14.76
CA VAL M 43 -38.98 27.86 -13.34
C VAL M 43 -39.19 29.33 -12.95
N GLN M 55 -37.48 34.29 -1.69
CA GLN M 55 -37.23 33.13 -0.86
C GLN M 55 -38.12 31.96 -1.27
N PHE M 56 -38.88 32.14 -2.34
CA PHE M 56 -39.79 31.12 -2.85
C PHE M 56 -39.60 30.98 -4.35
N ALA M 57 -39.67 29.74 -4.82
CA ALA M 57 -39.49 29.43 -6.24
C ALA M 57 -40.59 28.50 -6.71
N PHE M 58 -40.96 28.66 -7.99
CA PHE M 58 -41.97 27.82 -8.63
C PHE M 58 -41.34 27.10 -9.80
N VAL M 59 -41.60 25.81 -9.91
CA VAL M 59 -41.03 24.96 -10.95
C VAL M 59 -42.16 24.21 -11.65
N ASN M 60 -42.15 24.24 -12.99
CA ASN M 60 -43.16 23.57 -13.80
C ASN M 60 -42.50 22.46 -14.60
N PHE M 61 -43.00 21.24 -14.44
CA PHE M 61 -42.50 20.07 -15.15
C PHE M 61 -43.39 19.76 -16.35
N LYS M 62 -42.81 19.08 -17.34
CA LYS M 62 -43.55 18.77 -18.56
C LYS M 62 -44.59 17.67 -18.33
N HIS M 63 -44.32 16.75 -17.41
CA HIS M 63 -45.21 15.64 -17.14
C HIS M 63 -45.45 15.53 -15.64
N GLU M 64 -46.68 15.18 -15.27
CA GLU M 64 -47.04 15.07 -13.86
C GLU M 64 -46.22 14.01 -13.13
N VAL M 65 -45.65 13.03 -13.85
CA VAL M 65 -44.83 12.01 -13.20
C VAL M 65 -43.56 12.59 -12.61
N SER M 66 -43.10 13.74 -13.09
CA SER M 66 -41.86 14.32 -12.59
C SER M 66 -42.01 14.85 -11.17
N VAL M 67 -43.21 15.34 -10.83
CA VAL M 67 -43.41 15.94 -9.51
C VAL M 67 -43.11 14.96 -8.37
N PRO M 68 -43.70 13.76 -8.31
CA PRO M 68 -43.36 12.85 -7.20
C PRO M 68 -41.90 12.45 -7.19
N TYR M 69 -41.32 12.21 -8.37
CA TYR M 69 -39.90 11.86 -8.43
C TYR M 69 -39.03 12.99 -7.90
N ALA M 70 -39.34 14.24 -8.28
CA ALA M 70 -38.59 15.38 -7.80
C ALA M 70 -38.74 15.58 -6.28
N MET M 71 -39.83 15.10 -5.69
CA MET M 71 -39.98 15.19 -4.24
C MET M 71 -39.01 14.26 -3.52
N ASN M 72 -38.93 12.99 -3.97
CA ASN M 72 -38.14 12.00 -3.27
C ASN M 72 -36.64 12.20 -3.44
N LEU M 73 -36.21 12.85 -4.53
CA LEU M 73 -34.78 12.98 -4.82
C LEU M 73 -34.17 14.28 -4.33
N LEU M 74 -34.94 15.36 -4.23
CA LEU M 74 -34.38 16.68 -3.95
C LEU M 74 -34.91 17.33 -2.69
N ASN M 75 -35.80 16.68 -1.94
CA ASN M 75 -36.30 17.26 -0.70
C ASN M 75 -35.20 17.30 0.35
N GLY M 76 -35.11 18.43 1.05
CA GLY M 76 -34.12 18.60 2.10
C GLY M 76 -32.71 18.88 1.62
N ILE M 77 -32.52 19.07 0.31
CA ILE M 77 -31.20 19.43 -0.21
C ILE M 77 -30.85 20.83 0.24
N LYS M 78 -29.62 21.01 0.72
CA LYS M 78 -29.15 22.31 1.23
C LYS M 78 -28.42 23.04 0.11
N LEU M 79 -29.00 24.14 -0.36
CA LEU M 79 -28.38 25.00 -1.35
C LEU M 79 -27.69 26.16 -0.64
N TYR M 80 -26.39 26.29 -0.86
CA TYR M 80 -25.55 27.26 -0.16
C TYR M 80 -25.68 27.11 1.36
N PRO M 83 -31.24 23.89 4.10
CA PRO M 83 -32.18 22.89 3.56
C PRO M 83 -33.32 23.52 2.77
N ILE M 84 -33.78 22.81 1.74
CA ILE M 84 -34.91 23.24 0.92
C ILE M 84 -36.07 22.30 1.19
N LYS M 85 -37.22 22.88 1.52
CA LYS M 85 -38.44 22.13 1.82
C LYS M 85 -39.39 22.28 0.65
N ILE M 86 -39.72 21.16 0.01
CA ILE M 86 -40.61 21.13 -1.15
C ILE M 86 -41.97 20.61 -0.71
N GLN M 87 -43.03 21.31 -1.10
CA GLN M 87 -44.39 20.91 -0.79
C GLN M 87 -45.21 20.87 -2.06
N PHE M 88 -46.09 19.87 -2.16
CA PHE M 88 -46.88 19.67 -3.37
C PHE M 88 -48.03 20.68 -3.44
N ARG M 89 -48.30 21.16 -4.64
CA ARG M 89 -49.36 22.14 -4.87
C ARG M 89 -50.72 21.46 -5.00
N PHE N 7 -30.11 15.31 -20.97
CA PHE N 7 -30.13 14.77 -19.62
C PHE N 7 -28.89 13.95 -19.32
N LYS N 8 -28.04 14.46 -18.42
CA LYS N 8 -26.83 13.75 -18.01
C LYS N 8 -26.87 13.60 -16.49
N PRO N 9 -27.19 12.42 -15.98
CA PRO N 9 -27.32 12.25 -14.53
C PRO N 9 -25.99 12.48 -13.82
N GLY N 10 -26.05 13.15 -12.68
CA GLY N 10 -24.85 13.44 -11.90
C GLY N 10 -23.90 14.43 -12.51
N VAL N 11 -24.24 15.01 -13.67
CA VAL N 11 -23.47 16.09 -14.26
C VAL N 11 -24.10 17.40 -13.82
N ILE N 12 -23.28 18.31 -13.29
CA ILE N 12 -23.77 19.57 -12.76
C ILE N 12 -22.91 20.71 -13.27
N SER N 13 -23.50 21.91 -13.30
CA SER N 13 -22.76 23.11 -13.64
C SER N 13 -21.68 23.39 -12.61
N GLU N 14 -20.81 24.35 -12.94
CA GLU N 14 -19.79 24.75 -11.98
C GLU N 14 -20.38 25.53 -10.81
N GLU N 15 -21.44 26.29 -11.06
CA GLU N 15 -22.05 27.06 -9.98
C GLU N 15 -22.76 26.16 -8.98
N LEU N 16 -23.55 25.22 -9.47
CA LEU N 16 -24.37 24.40 -8.58
C LEU N 16 -23.53 23.36 -7.86
N GLN N 17 -22.62 22.69 -8.58
CA GLN N 17 -21.85 21.61 -7.97
C GLN N 17 -20.92 22.15 -6.90
N ASP N 18 -20.18 23.22 -7.21
CA ASP N 18 -19.26 23.79 -6.24
C ASP N 18 -20.00 24.41 -5.06
N ALA N 19 -21.21 24.93 -5.30
CA ALA N 19 -21.96 25.59 -4.22
C ALA N 19 -22.37 24.61 -3.15
N LEU N 20 -22.75 23.39 -3.53
CA LEU N 20 -23.23 22.42 -2.54
C LEU N 20 -22.11 21.90 -1.66
N GLY N 21 -20.86 22.03 -2.07
CA GLY N 21 -19.73 21.62 -1.26
C GLY N 21 -19.14 20.30 -1.72
N VAL N 22 -17.99 19.99 -1.14
CA VAL N 22 -17.27 18.77 -1.49
C VAL N 22 -16.18 18.47 -0.47
N ASP N 24 -13.23 18.27 -3.14
CA ASP N 24 -13.60 16.88 -3.39
C ASP N 24 -14.66 16.78 -4.49
N LYS N 25 -14.44 17.48 -5.60
CA LYS N 25 -15.40 17.54 -6.68
C LYS N 25 -15.51 16.24 -7.47
N SER N 26 -14.68 15.24 -7.17
CA SER N 26 -14.70 13.98 -7.92
C SER N 26 -15.83 13.04 -7.47
N LEU N 27 -16.58 13.40 -6.44
CA LEU N 27 -17.68 12.57 -5.97
C LEU N 27 -18.99 13.09 -6.53
N PRO N 28 -19.62 12.39 -7.48
CA PRO N 28 -20.93 12.83 -7.98
C PRO N 28 -22.02 12.64 -6.93
N PRO N 29 -22.86 13.66 -6.70
CA PRO N 29 -23.75 13.62 -5.54
C PRO N 29 -25.08 12.89 -5.74
N PHE N 30 -25.70 13.06 -6.91
CA PHE N 30 -27.09 12.65 -7.07
C PHE N 30 -27.28 11.22 -7.54
N ILE N 31 -26.19 10.51 -7.86
CA ILE N 31 -26.33 9.28 -8.63
C ILE N 31 -26.71 8.12 -7.73
N TYR N 32 -26.20 8.08 -6.50
CA TYR N 32 -26.58 7.03 -5.55
C TYR N 32 -28.09 6.93 -5.36
N ARG N 33 -28.75 8.04 -5.05
CA ARG N 33 -30.19 7.97 -4.83
C ARG N 33 -30.94 7.73 -6.14
N MET N 34 -30.41 8.27 -7.25
CA MET N 34 -31.07 8.12 -8.55
C MET N 34 -31.02 6.70 -9.05
N ARG N 35 -29.93 5.96 -8.76
CA ARG N 35 -29.82 4.60 -9.25
C ARG N 35 -30.75 3.66 -8.52
N GLN N 36 -31.10 3.98 -7.27
CA GLN N 36 -32.01 3.12 -6.51
C GLN N 36 -33.45 3.53 -6.71
N LEU N 37 -33.73 4.84 -6.81
CA LEU N 37 -35.07 5.27 -7.18
C LEU N 37 -35.45 4.84 -8.59
N GLY N 38 -34.46 4.73 -9.49
CA GLY N 38 -34.75 4.37 -10.85
C GLY N 38 -34.70 5.58 -11.77
N TYR N 39 -34.82 5.29 -13.07
CA TYR N 39 -34.73 6.33 -14.07
C TYR N 39 -35.94 7.25 -13.94
N PRO N 40 -35.74 8.57 -13.96
CA PRO N 40 -36.88 9.49 -13.83
C PRO N 40 -37.92 9.21 -14.88
N PRO N 41 -39.17 8.97 -14.48
CA PRO N 41 -40.19 8.53 -15.46
C PRO N 41 -40.46 9.55 -16.53
N GLY N 42 -40.36 10.84 -16.23
CA GLY N 42 -40.63 11.86 -17.22
C GLY N 42 -39.63 11.94 -18.35
N TRP N 43 -38.48 11.26 -18.23
CA TRP N 43 -37.50 11.21 -19.31
C TRP N 43 -37.71 10.03 -20.26
N LEU N 44 -38.62 9.12 -19.94
CA LEU N 44 -38.79 7.91 -20.76
C LEU N 44 -39.35 8.24 -22.14
BR BR O . 1.33 2.45 -12.32
BR BR P . 13.87 17.06 -7.99
BR BR Q . 23.77 12.33 -13.48
BR BR R . 28.63 11.72 4.71
BR BR S . 16.55 -21.42 12.84
BR BR T . 8.25 -38.55 -1.10
BR BR U . -13.48 1.05 0.59
BR BR V . 9.20 -25.77 14.72
BR BR W . -28.71 12.77 -2.75
#